data_1U86
#
_entry.id   1U86
#
loop_
_entity.id
_entity.type
_entity.pdbx_description
1 polymer 'Kruppel-like factor 3'
2 non-polymer 'ZINC ION'
#
_entity_poly.entity_id   1
_entity_poly.type   'polypeptide(L)'
_entity_poly.pdbx_seq_one_letter_code
;GSTGIKPFQCTWPDCDRSFSRSDHLALHRKRHMLV
;
_entity_poly.pdbx_strand_id   A
#
loop_
_chem_comp.id
_chem_comp.type
_chem_comp.name
_chem_comp.formula
ZN non-polymer 'ZINC ION' 'Zn 2'
#
# COMPACT_ATOMS: atom_id res chain seq x y z
N GLY A 1 7.12 9.10 -12.70
CA GLY A 1 5.84 9.25 -13.43
C GLY A 1 4.67 8.88 -12.55
N SER A 2 3.50 8.67 -13.15
CA SER A 2 2.32 8.30 -12.42
C SER A 2 2.28 6.79 -12.18
N THR A 3 2.76 6.38 -11.03
CA THR A 3 2.81 4.97 -10.67
C THR A 3 1.91 4.71 -9.46
N GLY A 4 0.72 5.31 -9.48
CA GLY A 4 -0.20 5.16 -8.37
C GLY A 4 -1.25 4.11 -8.65
N ILE A 5 -1.37 3.75 -9.91
CA ILE A 5 -2.31 2.73 -10.32
C ILE A 5 -1.68 1.35 -10.14
N LYS A 6 -1.70 0.87 -8.92
CA LYS A 6 -1.07 -0.40 -8.58
C LYS A 6 -2.13 -1.36 -8.03
N PRO A 7 -1.94 -2.67 -8.25
CA PRO A 7 -2.88 -3.68 -7.76
C PRO A 7 -2.74 -3.87 -6.26
N PHE A 8 -1.54 -3.64 -5.77
CA PHE A 8 -1.26 -3.74 -4.35
C PHE A 8 -1.46 -2.37 -3.69
N GLN A 9 -2.61 -1.77 -3.97
CA GLN A 9 -2.91 -0.44 -3.48
C GLN A 9 -3.31 -0.49 -2.01
N CYS A 10 -2.62 0.31 -1.21
CA CYS A 10 -2.97 0.46 0.20
C CYS A 10 -4.31 1.16 0.31
N THR A 11 -5.22 0.57 1.07
CA THR A 11 -6.57 1.07 1.16
C THR A 11 -6.73 2.07 2.31
N TRP A 12 -5.65 2.75 2.67
CA TRP A 12 -5.73 3.79 3.69
C TRP A 12 -5.99 5.14 3.03
N PRO A 13 -7.09 5.80 3.41
CA PRO A 13 -7.55 7.03 2.73
C PRO A 13 -6.58 8.20 2.87
N ASP A 14 -6.13 8.47 4.09
CA ASP A 14 -5.23 9.58 4.34
C ASP A 14 -3.81 9.25 3.89
N CYS A 15 -3.55 7.96 3.68
CA CYS A 15 -2.26 7.50 3.23
C CYS A 15 -2.19 7.49 1.70
N ASP A 16 -3.08 6.71 1.08
CA ASP A 16 -3.20 6.63 -0.39
C ASP A 16 -1.93 6.10 -1.01
N ARG A 17 -1.49 4.95 -0.53
CA ARG A 17 -0.27 4.32 -1.03
C ARG A 17 -0.60 3.22 -2.01
N SER A 18 0.35 2.89 -2.87
CA SER A 18 0.14 1.85 -3.87
C SER A 18 1.45 1.11 -4.12
N PHE A 19 1.39 -0.22 -4.07
CA PHE A 19 2.62 -1.00 -4.07
C PHE A 19 2.70 -1.97 -5.25
N SER A 20 3.89 -2.49 -5.44
CA SER A 20 4.14 -3.54 -6.40
C SER A 20 4.70 -4.76 -5.67
N ARG A 21 5.12 -4.52 -4.43
CA ARG A 21 5.70 -5.55 -3.58
C ARG A 21 4.67 -6.03 -2.54
N SER A 22 4.34 -7.31 -2.59
CA SER A 22 3.37 -7.90 -1.68
C SER A 22 3.95 -8.03 -0.28
N ASP A 23 5.27 -8.14 -0.20
CA ASP A 23 5.97 -8.29 1.06
C ASP A 23 6.27 -6.94 1.66
N HIS A 24 6.01 -5.91 0.88
CA HIS A 24 6.24 -4.57 1.39
C HIS A 24 4.94 -3.92 1.81
N LEU A 25 3.92 -4.08 1.00
CA LEU A 25 2.62 -3.56 1.33
C LEU A 25 1.95 -4.37 2.43
N ALA A 26 2.39 -5.61 2.63
CA ALA A 26 1.88 -6.40 3.74
C ALA A 26 2.33 -5.81 5.08
N LEU A 27 3.60 -5.48 5.21
CA LEU A 27 4.11 -4.89 6.44
C LEU A 27 3.64 -3.44 6.58
N HIS A 28 3.52 -2.77 5.44
CA HIS A 28 3.00 -1.42 5.38
C HIS A 28 1.57 -1.38 5.91
N ARG A 29 0.84 -2.45 5.67
CA ARG A 29 -0.54 -2.56 6.08
C ARG A 29 -0.67 -3.07 7.50
N LYS A 30 0.25 -3.94 7.90
CA LYS A 30 0.28 -4.45 9.26
C LYS A 30 0.58 -3.33 10.26
N ARG A 31 1.50 -2.45 9.88
CA ARG A 31 1.87 -1.32 10.74
C ARG A 31 0.77 -0.25 10.74
N HIS A 32 -0.10 -0.31 9.74
CA HIS A 32 -1.22 0.61 9.65
C HIS A 32 -2.22 0.34 10.76
N MET A 33 -2.53 -0.92 10.97
CA MET A 33 -3.45 -1.33 12.01
C MET A 33 -2.71 -1.55 13.32
N LEU A 34 -1.43 -1.19 13.34
CA LEU A 34 -0.58 -1.27 14.52
C LEU A 34 -0.52 -2.69 15.06
N VAL A 35 -0.04 -3.60 14.22
CA VAL A 35 0.09 -4.99 14.60
C VAL A 35 1.42 -5.54 14.08
ZN ZN B . -0.76 3.09 3.57
N GLY A 1 2.46 5.39 -18.23
CA GLY A 1 2.59 3.94 -18.53
C GLY A 1 1.25 3.23 -18.46
N SER A 2 1.27 1.92 -18.67
CA SER A 2 0.05 1.14 -18.63
C SER A 2 -0.34 0.85 -17.18
N THR A 3 0.65 0.55 -16.35
CA THR A 3 0.42 0.36 -14.93
C THR A 3 0.91 1.57 -14.15
N GLY A 4 0.04 2.56 -14.00
CA GLY A 4 0.38 3.72 -13.21
C GLY A 4 -0.16 3.59 -11.81
N ILE A 5 -1.43 3.25 -11.73
CA ILE A 5 -2.06 2.91 -10.48
C ILE A 5 -1.74 1.45 -10.15
N LYS A 6 -1.16 1.21 -9.00
CA LYS A 6 -0.72 -0.13 -8.64
C LYS A 6 -1.89 -0.98 -8.16
N PRO A 7 -1.87 -2.27 -8.50
CA PRO A 7 -2.87 -3.23 -8.05
C PRO A 7 -2.68 -3.56 -6.58
N PHE A 8 -1.44 -3.39 -6.11
CA PHE A 8 -1.12 -3.58 -4.70
C PHE A 8 -1.25 -2.26 -3.98
N GLN A 9 -2.36 -1.58 -4.23
CA GLN A 9 -2.60 -0.27 -3.66
C GLN A 9 -2.99 -0.40 -2.19
N CYS A 10 -2.52 0.51 -1.38
CA CYS A 10 -2.90 0.55 0.01
C CYS A 10 -4.26 1.23 0.14
N THR A 11 -5.21 0.51 0.73
CA THR A 11 -6.56 0.99 0.85
C THR A 11 -6.75 1.88 2.08
N TRP A 12 -5.65 2.47 2.57
CA TRP A 12 -5.75 3.40 3.68
C TRP A 12 -6.20 4.76 3.16
N PRO A 13 -7.36 5.26 3.62
CA PRO A 13 -7.97 6.48 3.10
C PRO A 13 -7.07 7.71 3.30
N ASP A 14 -6.39 7.77 4.44
CA ASP A 14 -5.50 8.89 4.74
C ASP A 14 -4.19 8.74 3.99
N CYS A 15 -3.72 7.50 3.89
CA CYS A 15 -2.43 7.21 3.32
C CYS A 15 -2.47 7.19 1.78
N ASP A 16 -3.18 6.21 1.23
CA ASP A 16 -3.35 6.06 -0.22
C ASP A 16 -2.02 5.75 -0.91
N ARG A 17 -1.35 4.72 -0.43
CA ARG A 17 -0.10 4.29 -1.01
C ARG A 17 -0.35 3.26 -2.11
N SER A 18 0.68 2.94 -2.87
CA SER A 18 0.55 1.98 -3.95
C SER A 18 1.84 1.18 -4.10
N PHE A 19 1.74 -0.14 -4.14
CA PHE A 19 2.93 -0.99 -4.13
C PHE A 19 2.95 -1.93 -5.32
N SER A 20 4.08 -2.63 -5.44
CA SER A 20 4.20 -3.71 -6.40
C SER A 20 4.62 -4.99 -5.66
N ARG A 21 5.04 -4.81 -4.40
CA ARG A 21 5.46 -5.91 -3.55
C ARG A 21 4.37 -6.30 -2.54
N SER A 22 3.96 -7.56 -2.58
CA SER A 22 2.92 -8.06 -1.69
C SER A 22 3.43 -8.22 -0.26
N ASP A 23 4.74 -8.37 -0.11
CA ASP A 23 5.34 -8.55 1.21
C ASP A 23 5.76 -7.20 1.79
N HIS A 24 5.57 -6.17 0.98
CA HIS A 24 5.93 -4.85 1.46
C HIS A 24 4.70 -4.06 1.89
N LEU A 25 3.68 -4.10 1.06
CA LEU A 25 2.43 -3.43 1.36
C LEU A 25 1.66 -4.17 2.44
N ALA A 26 2.00 -5.43 2.66
CA ALA A 26 1.43 -6.17 3.78
C ALA A 26 2.03 -5.69 5.10
N LEU A 27 3.34 -5.47 5.10
CA LEU A 27 4.04 -4.98 6.28
C LEU A 27 3.68 -3.53 6.54
N HIS A 28 3.69 -2.76 5.46
CA HIS A 28 3.33 -1.35 5.53
C HIS A 28 1.91 -1.17 6.08
N ARG A 29 1.02 -2.07 5.70
CA ARG A 29 -0.37 -2.01 6.13
C ARG A 29 -0.51 -2.50 7.57
N LYS A 30 0.36 -3.41 7.97
CA LYS A 30 0.39 -3.89 9.35
C LYS A 30 0.89 -2.79 10.27
N ARG A 31 1.81 -1.97 9.74
CA ARG A 31 2.36 -0.85 10.47
C ARG A 31 1.36 0.31 10.57
N HIS A 32 0.23 0.16 9.91
CA HIS A 32 -0.85 1.14 10.00
C HIS A 32 -1.66 0.88 11.26
N MET A 33 -2.11 -0.35 11.40
CA MET A 33 -2.91 -0.77 12.54
C MET A 33 -2.04 -0.85 13.79
N LEU A 34 -0.75 -1.13 13.58
CA LEU A 34 0.23 -1.21 14.65
C LEU A 34 -0.21 -2.18 15.73
N VAL A 35 -0.40 -3.42 15.32
CA VAL A 35 -0.82 -4.48 16.21
C VAL A 35 -0.49 -5.83 15.59
ZN ZN B . -0.74 2.79 3.64
N GLY A 1 2.64 5.28 -21.89
CA GLY A 1 2.29 4.03 -21.17
C GLY A 1 1.11 4.25 -20.24
N SER A 2 0.20 3.31 -20.21
CA SER A 2 -0.99 3.42 -19.38
C SER A 2 -0.78 2.71 -18.05
N THR A 3 0.23 1.85 -18.00
CA THR A 3 0.56 1.14 -16.78
C THR A 3 1.22 2.07 -15.76
N GLY A 4 0.42 2.60 -14.85
CA GLY A 4 0.91 3.53 -13.86
C GLY A 4 0.31 3.29 -12.49
N ILE A 5 -0.91 2.79 -12.46
CA ILE A 5 -1.59 2.50 -11.20
C ILE A 5 -1.18 1.12 -10.69
N LYS A 6 -0.79 1.07 -9.44
CA LYS A 6 -0.34 -0.18 -8.83
C LYS A 6 -1.53 -1.02 -8.41
N PRO A 7 -1.45 -2.34 -8.61
CA PRO A 7 -2.52 -3.26 -8.26
C PRO A 7 -2.59 -3.48 -6.76
N PHE A 8 -1.43 -3.44 -6.12
CA PHE A 8 -1.34 -3.59 -4.68
C PHE A 8 -1.49 -2.23 -4.01
N GLN A 9 -2.59 -1.56 -4.31
CA GLN A 9 -2.84 -0.23 -3.77
C GLN A 9 -3.24 -0.35 -2.31
N CYS A 10 -2.63 0.48 -1.48
CA CYS A 10 -2.96 0.51 -0.07
C CYS A 10 -4.33 1.16 0.11
N THR A 11 -5.24 0.41 0.71
CA THR A 11 -6.61 0.87 0.89
C THR A 11 -6.74 1.76 2.14
N TRP A 12 -5.68 2.48 2.47
CA TRP A 12 -5.73 3.41 3.58
C TRP A 12 -6.14 4.79 3.09
N PRO A 13 -7.20 5.38 3.68
CA PRO A 13 -7.74 6.68 3.24
C PRO A 13 -6.78 7.83 3.56
N ASP A 14 -6.14 7.75 4.71
CA ASP A 14 -5.21 8.79 5.16
C ASP A 14 -3.85 8.63 4.49
N CYS A 15 -3.60 7.44 3.97
CA CYS A 15 -2.33 7.12 3.34
C CYS A 15 -2.43 7.18 1.81
N ASP A 16 -3.16 6.23 1.24
CA ASP A 16 -3.38 6.15 -0.21
C ASP A 16 -2.08 5.83 -0.95
N ARG A 17 -1.45 4.74 -0.54
CA ARG A 17 -0.22 4.27 -1.16
C ARG A 17 -0.53 3.24 -2.23
N SER A 18 0.48 2.85 -2.99
CA SER A 18 0.29 1.88 -4.05
C SER A 18 1.58 1.08 -4.25
N PHE A 19 1.47 -0.24 -4.19
CA PHE A 19 2.65 -1.09 -4.20
C PHE A 19 2.67 -2.07 -5.35
N SER A 20 3.81 -2.72 -5.50
CA SER A 20 3.97 -3.83 -6.42
C SER A 20 4.47 -5.05 -5.64
N ARG A 21 4.92 -4.81 -4.41
CA ARG A 21 5.40 -5.87 -3.53
C ARG A 21 4.35 -6.22 -2.49
N SER A 22 3.97 -7.50 -2.45
CA SER A 22 2.95 -7.97 -1.54
C SER A 22 3.46 -8.04 -0.10
N ASP A 23 4.75 -8.26 0.07
CA ASP A 23 5.37 -8.36 1.39
C ASP A 23 5.69 -6.97 1.91
N HIS A 24 5.70 -6.02 0.99
CA HIS A 24 5.97 -4.64 1.39
C HIS A 24 4.70 -3.92 1.80
N LEU A 25 3.67 -4.07 1.01
CA LEU A 25 2.38 -3.46 1.31
C LEU A 25 1.67 -4.25 2.40
N ALA A 26 2.16 -5.45 2.71
CA ALA A 26 1.65 -6.18 3.86
C ALA A 26 2.19 -5.62 5.16
N LEU A 27 3.52 -5.44 5.21
CA LEU A 27 4.15 -4.92 6.42
C LEU A 27 3.85 -3.44 6.59
N HIS A 28 3.76 -2.75 5.46
CA HIS A 28 3.41 -1.34 5.44
C HIS A 28 1.99 -1.16 5.99
N ARG A 29 1.12 -2.11 5.66
CA ARG A 29 -0.26 -2.06 6.08
C ARG A 29 -0.42 -2.53 7.53
N LYS A 30 0.45 -3.44 7.95
CA LYS A 30 0.41 -3.94 9.31
C LYS A 30 0.79 -2.84 10.30
N ARG A 31 1.70 -1.97 9.88
CA ARG A 31 2.16 -0.85 10.69
C ARG A 31 1.04 0.19 10.85
N HIS A 32 0.11 0.21 9.90
CA HIS A 32 -1.01 1.14 9.91
C HIS A 32 -1.90 0.88 11.12
N MET A 33 -1.98 -0.37 11.53
CA MET A 33 -2.88 -0.78 12.61
C MET A 33 -2.27 -0.47 13.97
N LEU A 34 -0.99 -0.13 13.98
CA LEU A 34 -0.28 0.16 15.21
C LEU A 34 0.29 1.57 15.19
N VAL A 35 -0.43 2.46 14.53
CA VAL A 35 -0.05 3.86 14.45
C VAL A 35 -1.30 4.70 14.23
ZN ZN B . -0.62 2.72 3.52
N GLY A 1 -1.32 10.40 -13.26
CA GLY A 1 -0.95 9.62 -14.46
C GLY A 1 -1.65 8.27 -14.49
N SER A 2 -1.48 7.55 -15.59
CA SER A 2 -2.10 6.23 -15.74
C SER A 2 -1.24 5.15 -15.07
N THR A 3 -0.02 5.50 -14.71
CA THR A 3 0.88 4.58 -14.04
C THR A 3 1.00 4.94 -12.56
N GLY A 4 -0.12 5.26 -11.93
CA GLY A 4 -0.11 5.61 -10.53
C GLY A 4 -0.80 4.59 -9.68
N ILE A 5 -1.94 4.10 -10.18
CA ILE A 5 -2.71 3.11 -9.46
C ILE A 5 -2.10 1.72 -9.63
N LYS A 6 -1.37 1.30 -8.62
CA LYS A 6 -0.73 0.00 -8.61
C LYS A 6 -1.76 -1.07 -8.23
N PRO A 7 -1.52 -2.33 -8.60
CA PRO A 7 -2.45 -3.41 -8.30
C PRO A 7 -2.40 -3.80 -6.83
N PHE A 8 -1.31 -3.42 -6.19
CA PHE A 8 -1.12 -3.65 -4.77
C PHE A 8 -1.27 -2.34 -4.02
N GLN A 9 -2.34 -1.63 -4.31
CA GLN A 9 -2.56 -0.32 -3.73
C GLN A 9 -2.98 -0.43 -2.26
N CYS A 10 -2.44 0.46 -1.44
CA CYS A 10 -2.84 0.54 -0.05
C CYS A 10 -4.19 1.24 0.04
N THR A 11 -5.16 0.56 0.63
CA THR A 11 -6.51 1.08 0.71
C THR A 11 -6.72 1.92 1.97
N TRP A 12 -5.64 2.49 2.50
CA TRP A 12 -5.75 3.39 3.64
C TRP A 12 -6.18 4.78 3.15
N PRO A 13 -7.26 5.33 3.72
CA PRO A 13 -7.85 6.60 3.24
C PRO A 13 -6.90 7.79 3.39
N ASP A 14 -6.26 7.89 4.54
CA ASP A 14 -5.38 9.03 4.82
C ASP A 14 -3.99 8.80 4.21
N CYS A 15 -3.68 7.56 3.90
CA CYS A 15 -2.40 7.20 3.33
C CYS A 15 -2.47 7.16 1.80
N ASP A 16 -3.21 6.18 1.27
CA ASP A 16 -3.41 6.02 -0.17
C ASP A 16 -2.08 5.78 -0.88
N ARG A 17 -1.39 4.73 -0.46
CA ARG A 17 -0.13 4.36 -1.06
C ARG A 17 -0.36 3.30 -2.13
N SER A 18 0.65 3.01 -2.92
CA SER A 18 0.48 2.04 -4.00
C SER A 18 1.75 1.21 -4.16
N PHE A 19 1.58 -0.12 -4.14
CA PHE A 19 2.72 -1.00 -4.15
C PHE A 19 2.68 -1.97 -5.32
N SER A 20 3.78 -2.66 -5.50
CA SER A 20 3.87 -3.74 -6.46
C SER A 20 4.32 -4.99 -5.71
N ARG A 21 4.70 -4.77 -4.44
CA ARG A 21 5.23 -5.81 -3.58
C ARG A 21 4.18 -6.28 -2.57
N SER A 22 3.97 -7.59 -2.49
CA SER A 22 2.94 -8.16 -1.63
C SER A 22 3.36 -8.26 -0.17
N ASP A 23 4.67 -8.24 0.08
CA ASP A 23 5.18 -8.33 1.45
C ASP A 23 5.52 -6.95 1.96
N HIS A 24 5.72 -6.04 1.02
CA HIS A 24 5.98 -4.67 1.41
C HIS A 24 4.69 -3.95 1.77
N LEU A 25 3.67 -4.16 0.97
CA LEU A 25 2.35 -3.60 1.25
C LEU A 25 1.62 -4.44 2.29
N ALA A 26 2.21 -5.54 2.69
CA ALA A 26 1.70 -6.29 3.83
C ALA A 26 2.24 -5.71 5.14
N LEU A 27 3.55 -5.50 5.20
CA LEU A 27 4.17 -4.96 6.40
C LEU A 27 3.86 -3.47 6.56
N HIS A 28 3.77 -2.78 5.44
CA HIS A 28 3.38 -1.37 5.43
C HIS A 28 1.97 -1.23 6.00
N ARG A 29 1.12 -2.20 5.69
CA ARG A 29 -0.26 -2.18 6.14
C ARG A 29 -0.38 -2.67 7.58
N LYS A 30 0.61 -3.42 8.03
CA LYS A 30 0.65 -3.86 9.42
C LYS A 30 0.94 -2.69 10.33
N ARG A 31 1.83 -1.80 9.88
CA ARG A 31 2.18 -0.61 10.66
C ARG A 31 1.01 0.37 10.74
N HIS A 32 -0.01 0.12 9.93
CA HIS A 32 -1.20 0.94 9.93
C HIS A 32 -2.11 0.56 11.10
N MET A 33 -2.23 -0.74 11.34
CA MET A 33 -3.10 -1.23 12.40
C MET A 33 -2.35 -1.29 13.73
N LEU A 34 -1.02 -1.31 13.65
CA LEU A 34 -0.19 -1.35 14.84
C LEU A 34 0.42 0.03 15.10
N VAL A 35 -0.45 0.99 15.34
CA VAL A 35 -0.03 2.35 15.61
C VAL A 35 -0.91 2.99 16.67
ZN ZN B . -0.68 2.81 3.60
N GLY A 1 2.04 7.50 -16.28
CA GLY A 1 3.34 6.78 -16.25
C GLY A 1 3.18 5.29 -16.44
N SER A 2 4.30 4.60 -16.63
CA SER A 2 4.29 3.16 -16.85
C SER A 2 3.60 2.44 -15.70
N THR A 3 4.08 2.67 -14.48
CA THR A 3 3.50 2.07 -13.31
C THR A 3 2.99 3.15 -12.35
N GLY A 4 1.88 3.77 -12.71
CA GLY A 4 1.27 4.76 -11.85
C GLY A 4 0.10 4.18 -11.10
N ILE A 5 -0.56 3.22 -11.73
CA ILE A 5 -1.65 2.50 -11.11
C ILE A 5 -1.15 1.14 -10.65
N LYS A 6 -1.16 0.93 -9.34
CA LYS A 6 -0.63 -0.29 -8.76
C LYS A 6 -1.76 -1.19 -8.26
N PRO A 7 -1.63 -2.51 -8.46
CA PRO A 7 -2.64 -3.48 -8.04
C PRO A 7 -2.59 -3.71 -6.53
N PHE A 8 -1.40 -3.60 -5.97
CA PHE A 8 -1.21 -3.74 -4.54
C PHE A 8 -1.38 -2.40 -3.87
N GLN A 9 -2.51 -1.77 -4.15
CA GLN A 9 -2.78 -0.43 -3.64
C GLN A 9 -3.19 -0.49 -2.18
N CYS A 10 -2.60 0.39 -1.38
CA CYS A 10 -2.97 0.51 0.02
C CYS A 10 -4.29 1.25 0.14
N THR A 11 -5.26 0.60 0.75
CA THR A 11 -6.60 1.14 0.84
C THR A 11 -6.77 2.04 2.06
N TRP A 12 -5.68 2.65 2.52
CA TRP A 12 -5.76 3.58 3.64
C TRP A 12 -6.20 4.96 3.15
N PRO A 13 -7.15 5.58 3.88
CA PRO A 13 -7.75 6.86 3.46
C PRO A 13 -6.78 8.03 3.51
N ASP A 14 -6.12 8.20 4.64
CA ASP A 14 -5.20 9.32 4.84
C ASP A 14 -3.82 9.00 4.27
N CYS A 15 -3.61 7.75 3.93
CA CYS A 15 -2.36 7.31 3.36
C CYS A 15 -2.42 7.34 1.83
N ASP A 16 -3.25 6.49 1.26
CA ASP A 16 -3.44 6.42 -0.20
C ASP A 16 -2.16 6.03 -0.90
N ARG A 17 -1.59 4.90 -0.50
CA ARG A 17 -0.34 4.41 -1.07
C ARG A 17 -0.62 3.29 -2.08
N SER A 18 0.40 2.88 -2.79
CA SER A 18 0.25 1.85 -3.81
C SER A 18 1.58 1.09 -3.98
N PHE A 19 1.50 -0.23 -4.05
CA PHE A 19 2.71 -1.04 -4.08
C PHE A 19 2.69 -2.06 -5.21
N SER A 20 3.81 -2.74 -5.34
CA SER A 20 3.95 -3.85 -6.27
C SER A 20 4.57 -5.04 -5.53
N ARG A 21 4.95 -4.78 -4.28
CA ARG A 21 5.58 -5.78 -3.43
C ARG A 21 4.56 -6.33 -2.44
N SER A 22 4.28 -7.63 -2.52
CA SER A 22 3.30 -8.27 -1.65
C SER A 22 3.80 -8.40 -0.21
N ASP A 23 5.11 -8.27 -0.03
CA ASP A 23 5.72 -8.39 1.29
C ASP A 23 5.96 -7.02 1.88
N HIS A 24 5.78 -6.02 1.04
CA HIS A 24 6.07 -4.68 1.51
C HIS A 24 4.79 -3.93 1.86
N LEU A 25 3.80 -4.06 1.02
CA LEU A 25 2.50 -3.48 1.28
C LEU A 25 1.77 -4.26 2.37
N ALA A 26 2.15 -5.51 2.57
CA ALA A 26 1.60 -6.27 3.71
C ALA A 26 2.18 -5.75 5.02
N LEU A 27 3.48 -5.46 5.02
CA LEU A 27 4.14 -4.89 6.20
C LEU A 27 3.71 -3.46 6.41
N HIS A 28 3.66 -2.71 5.30
CA HIS A 28 3.24 -1.33 5.32
C HIS A 28 1.83 -1.20 5.87
N ARG A 29 0.97 -2.14 5.48
CA ARG A 29 -0.41 -2.14 5.94
C ARG A 29 -0.52 -2.67 7.36
N LYS A 30 0.43 -3.53 7.75
CA LYS A 30 0.49 -4.03 9.12
C LYS A 30 0.79 -2.88 10.07
N ARG A 31 1.73 -2.03 9.67
CA ARG A 31 2.11 -0.85 10.47
C ARG A 31 0.93 0.09 10.64
N HIS A 32 -0.04 0.01 9.74
CA HIS A 32 -1.24 0.82 9.81
C HIS A 32 -2.15 0.34 10.93
N MET A 33 -2.38 -0.96 10.96
CA MET A 33 -3.28 -1.57 11.92
C MET A 33 -2.61 -1.77 13.26
N LEU A 34 -1.28 -1.83 13.26
CA LEU A 34 -0.51 -2.00 14.47
C LEU A 34 -0.09 -0.64 15.03
N VAL A 35 -1.07 0.16 15.41
CA VAL A 35 -0.82 1.47 15.94
C VAL A 35 -1.03 1.48 17.45
ZN ZN B . -0.75 2.86 3.55
N GLY A 1 5.23 3.02 -17.70
CA GLY A 1 4.04 2.92 -18.60
C GLY A 1 2.93 3.86 -18.17
N SER A 2 1.71 3.53 -18.58
CA SER A 2 0.55 4.35 -18.23
C SER A 2 -0.07 3.87 -16.93
N THR A 3 0.28 2.65 -16.53
CA THR A 3 -0.21 2.07 -15.30
C THR A 3 0.52 2.64 -14.08
N GLY A 4 -0.07 3.65 -13.48
CA GLY A 4 0.50 4.25 -12.30
C GLY A 4 -0.13 3.68 -11.04
N ILE A 5 -1.44 3.55 -11.07
CA ILE A 5 -2.17 2.93 -9.97
C ILE A 5 -1.84 1.46 -9.88
N LYS A 6 -1.19 1.08 -8.79
CA LYS A 6 -0.75 -0.29 -8.60
C LYS A 6 -1.92 -1.17 -8.15
N PRO A 7 -1.86 -2.47 -8.48
CA PRO A 7 -2.87 -3.43 -8.03
C PRO A 7 -2.80 -3.62 -6.53
N PHE A 8 -1.60 -3.43 -6.00
CA PHE A 8 -1.37 -3.53 -4.58
C PHE A 8 -1.46 -2.15 -3.95
N GLN A 9 -2.47 -1.39 -4.34
CA GLN A 9 -2.67 -0.05 -3.82
C GLN A 9 -3.20 -0.13 -2.40
N CYS A 10 -2.54 0.57 -1.50
CA CYS A 10 -2.96 0.60 -0.12
C CYS A 10 -4.27 1.38 0.00
N THR A 11 -5.29 0.71 0.52
CA THR A 11 -6.62 1.27 0.59
C THR A 11 -6.81 2.11 1.85
N TRP A 12 -5.72 2.52 2.48
CA TRP A 12 -5.80 3.37 3.66
C TRP A 12 -6.23 4.77 3.26
N PRO A 13 -7.29 5.30 3.89
CA PRO A 13 -7.91 6.58 3.51
C PRO A 13 -6.91 7.74 3.45
N ASP A 14 -6.25 8.03 4.55
CA ASP A 14 -5.32 9.16 4.60
C ASP A 14 -4.03 8.84 3.87
N CYS A 15 -3.57 7.61 4.01
CA CYS A 15 -2.32 7.17 3.41
C CYS A 15 -2.40 7.20 1.88
N ASP A 16 -3.14 6.25 1.30
CA ASP A 16 -3.30 6.14 -0.15
C ASP A 16 -1.97 5.83 -0.81
N ARG A 17 -1.41 4.67 -0.49
CA ARG A 17 -0.15 4.22 -1.06
C ARG A 17 -0.41 3.23 -2.18
N SER A 18 0.64 2.71 -2.78
CA SER A 18 0.50 1.74 -3.86
C SER A 18 1.81 0.97 -4.04
N PHE A 19 1.70 -0.35 -4.09
CA PHE A 19 2.88 -1.19 -4.10
C PHE A 19 2.89 -2.14 -5.28
N SER A 20 4.07 -2.70 -5.52
CA SER A 20 4.22 -3.79 -6.47
C SER A 20 4.66 -5.03 -5.71
N ARG A 21 5.15 -4.83 -4.49
CA ARG A 21 5.55 -5.94 -3.64
C ARG A 21 4.48 -6.22 -2.60
N SER A 22 4.08 -7.47 -2.55
CA SER A 22 3.08 -7.93 -1.61
C SER A 22 3.67 -8.02 -0.20
N ASP A 23 4.98 -8.24 -0.12
CA ASP A 23 5.67 -8.34 1.15
C ASP A 23 5.98 -6.97 1.71
N HIS A 24 5.69 -5.96 0.92
CA HIS A 24 5.91 -4.61 1.39
C HIS A 24 4.63 -3.98 1.86
N LEU A 25 3.61 -4.06 1.03
CA LEU A 25 2.31 -3.51 1.36
C LEU A 25 1.62 -4.34 2.43
N ALA A 26 2.11 -5.55 2.70
CA ALA A 26 1.60 -6.32 3.82
C ALA A 26 2.15 -5.79 5.15
N LEU A 27 3.45 -5.49 5.19
CA LEU A 27 4.07 -4.97 6.41
C LEU A 27 3.73 -3.49 6.57
N HIS A 28 3.64 -2.80 5.46
CA HIS A 28 3.26 -1.40 5.44
C HIS A 28 1.84 -1.25 6.00
N ARG A 29 0.99 -2.21 5.69
CA ARG A 29 -0.38 -2.21 6.15
C ARG A 29 -0.46 -2.70 7.59
N LYS A 30 0.53 -3.47 8.01
CA LYS A 30 0.62 -3.91 9.39
C LYS A 30 0.95 -2.73 10.30
N ARG A 31 1.82 -1.86 9.82
CA ARG A 31 2.20 -0.66 10.56
C ARG A 31 1.04 0.33 10.64
N HIS A 32 0.00 0.07 9.86
CA HIS A 32 -1.19 0.88 9.87
C HIS A 32 -2.10 0.47 11.03
N MET A 33 -2.39 -0.82 11.09
CA MET A 33 -3.26 -1.36 12.13
C MET A 33 -2.54 -1.37 13.47
N LEU A 34 -1.22 -1.44 13.41
CA LEU A 34 -0.40 -1.43 14.61
C LEU A 34 0.40 -0.15 14.68
N VAL A 35 -0.29 0.93 14.95
CA VAL A 35 0.33 2.23 15.10
C VAL A 35 0.80 2.44 16.54
ZN ZN B . -0.78 2.69 3.57
N GLY A 1 0.51 12.26 -15.03
CA GLY A 1 -0.35 11.86 -13.90
C GLY A 1 0.46 11.44 -12.70
N SER A 2 -0.21 10.94 -11.69
CA SER A 2 0.46 10.48 -10.48
C SER A 2 0.71 8.97 -10.57
N THR A 3 1.90 8.54 -10.16
CA THR A 3 2.25 7.13 -10.19
C THR A 3 1.65 6.40 -9.00
N GLY A 4 0.34 6.53 -8.83
CA GLY A 4 -0.34 5.88 -7.75
C GLY A 4 -1.31 4.85 -8.26
N ILE A 5 -0.95 4.24 -9.38
CA ILE A 5 -1.78 3.24 -10.03
C ILE A 5 -1.06 1.89 -9.96
N LYS A 6 -1.35 1.14 -8.92
CA LYS A 6 -0.71 -0.15 -8.69
C LYS A 6 -1.75 -1.20 -8.36
N PRO A 7 -1.47 -2.47 -8.62
CA PRO A 7 -2.39 -3.56 -8.32
C PRO A 7 -2.45 -3.81 -6.82
N PHE A 8 -1.34 -3.55 -6.17
CA PHE A 8 -1.23 -3.71 -4.73
C PHE A 8 -1.44 -2.37 -4.04
N GLN A 9 -2.58 -1.75 -4.32
CA GLN A 9 -2.89 -0.45 -3.77
C GLN A 9 -3.28 -0.56 -2.30
N CYS A 10 -2.79 0.37 -1.50
CA CYS A 10 -3.14 0.43 -0.10
C CYS A 10 -4.47 1.14 0.06
N THR A 11 -5.39 0.51 0.78
CA THR A 11 -6.72 1.05 0.96
C THR A 11 -6.83 1.93 2.21
N TRP A 12 -5.73 2.61 2.55
CA TRP A 12 -5.76 3.54 3.68
C TRP A 12 -6.16 4.93 3.20
N PRO A 13 -7.14 5.56 3.86
CA PRO A 13 -7.68 6.86 3.43
C PRO A 13 -6.65 7.97 3.44
N ASP A 14 -6.05 8.22 4.60
CA ASP A 14 -5.07 9.29 4.74
C ASP A 14 -3.78 8.95 3.98
N CYS A 15 -3.45 7.68 3.97
CA CYS A 15 -2.24 7.21 3.30
C CYS A 15 -2.41 7.19 1.79
N ASP A 16 -3.19 6.23 1.30
CA ASP A 16 -3.46 6.06 -0.12
C ASP A 16 -2.17 5.77 -0.88
N ARG A 17 -1.52 4.68 -0.51
CA ARG A 17 -0.27 4.28 -1.14
C ARG A 17 -0.55 3.18 -2.17
N SER A 18 0.45 2.85 -2.96
CA SER A 18 0.30 1.84 -3.99
C SER A 18 1.60 1.08 -4.18
N PHE A 19 1.52 -0.25 -4.18
CA PHE A 19 2.72 -1.06 -4.19
C PHE A 19 2.73 -2.04 -5.35
N SER A 20 3.88 -2.63 -5.57
CA SER A 20 4.04 -3.76 -6.48
C SER A 20 4.62 -4.93 -5.69
N ARG A 21 5.01 -4.64 -4.46
CA ARG A 21 5.59 -5.63 -3.55
C ARG A 21 4.55 -6.08 -2.53
N SER A 22 4.17 -7.36 -2.59
CA SER A 22 3.17 -7.91 -1.68
C SER A 22 3.70 -8.08 -0.26
N ASP A 23 5.01 -8.21 -0.14
CA ASP A 23 5.64 -8.39 1.16
C ASP A 23 6.02 -7.04 1.76
N HIS A 24 5.78 -6.01 0.97
CA HIS A 24 6.01 -4.67 1.48
C HIS A 24 4.73 -4.01 1.92
N LEU A 25 3.75 -4.00 1.04
CA LEU A 25 2.46 -3.42 1.35
C LEU A 25 1.72 -4.20 2.44
N ALA A 26 2.14 -5.45 2.68
CA ALA A 26 1.59 -6.21 3.79
C ALA A 26 2.10 -5.67 5.13
N LEU A 27 3.41 -5.48 5.24
CA LEU A 27 3.99 -4.95 6.49
C LEU A 27 3.66 -3.46 6.62
N HIS A 28 3.60 -2.79 5.48
CA HIS A 28 3.21 -1.39 5.42
C HIS A 28 1.80 -1.22 5.99
N ARG A 29 0.96 -2.21 5.72
CA ARG A 29 -0.42 -2.19 6.18
C ARG A 29 -0.54 -2.70 7.62
N LYS A 30 0.37 -3.56 8.02
CA LYS A 30 0.37 -4.09 9.38
C LYS A 30 0.69 -2.98 10.38
N ARG A 31 1.66 -2.14 10.05
CA ARG A 31 2.07 -1.05 10.91
C ARG A 31 1.08 0.12 10.84
N HIS A 32 0.12 0.01 9.94
CA HIS A 32 -0.90 1.04 9.76
C HIS A 32 -1.83 1.10 10.96
N MET A 33 -2.18 -0.07 11.47
CA MET A 33 -3.11 -0.16 12.59
C MET A 33 -2.36 -0.07 13.91
N LEU A 34 -1.09 0.33 13.85
CA LEU A 34 -0.27 0.47 15.03
C LEU A 34 0.15 1.92 15.22
N VAL A 35 -0.84 2.80 15.29
CA VAL A 35 -0.58 4.20 15.55
C VAL A 35 -1.50 4.67 16.67
ZN ZN B . -0.82 2.69 3.44
N GLY A 1 1.54 4.67 -19.68
CA GLY A 1 2.78 3.90 -19.93
C GLY A 1 3.02 2.86 -18.86
N SER A 2 4.01 3.10 -18.01
CA SER A 2 4.26 2.22 -16.88
C SER A 2 3.16 2.40 -15.84
N THR A 3 2.67 1.28 -15.30
CA THR A 3 1.56 1.29 -14.36
C THR A 3 1.79 2.27 -13.22
N GLY A 4 0.94 3.28 -13.17
CA GLY A 4 0.99 4.25 -12.09
C GLY A 4 -0.04 3.91 -11.04
N ILE A 5 -1.17 3.41 -11.51
CA ILE A 5 -2.17 2.86 -10.62
C ILE A 5 -1.80 1.42 -10.28
N LYS A 6 -1.16 1.25 -9.13
CA LYS A 6 -0.60 -0.03 -8.75
C LYS A 6 -1.70 -0.95 -8.26
N PRO A 7 -1.61 -2.25 -8.59
CA PRO A 7 -2.62 -3.23 -8.20
C PRO A 7 -2.51 -3.57 -6.72
N PHE A 8 -1.34 -3.30 -6.17
CA PHE A 8 -1.10 -3.49 -4.76
C PHE A 8 -1.21 -2.16 -4.05
N GLN A 9 -2.34 -1.50 -4.25
CA GLN A 9 -2.56 -0.19 -3.68
C GLN A 9 -2.98 -0.31 -2.22
N CYS A 10 -2.45 0.56 -1.40
CA CYS A 10 -2.83 0.61 0.00
C CYS A 10 -4.21 1.22 0.14
N THR A 11 -5.11 0.48 0.77
CA THR A 11 -6.49 0.90 0.88
C THR A 11 -6.72 1.77 2.13
N TRP A 12 -5.66 2.38 2.64
CA TRP A 12 -5.81 3.29 3.78
C TRP A 12 -6.17 4.69 3.26
N PRO A 13 -7.34 5.21 3.65
CA PRO A 13 -7.87 6.48 3.12
C PRO A 13 -6.95 7.67 3.35
N ASP A 14 -6.42 7.79 4.57
CA ASP A 14 -5.55 8.91 4.91
C ASP A 14 -4.16 8.73 4.29
N CYS A 15 -3.90 7.53 3.82
CA CYS A 15 -2.61 7.18 3.25
C CYS A 15 -2.67 7.20 1.71
N ASP A 16 -3.32 6.18 1.15
CA ASP A 16 -3.47 6.04 -0.29
C ASP A 16 -2.13 5.82 -0.96
N ARG A 17 -1.45 4.75 -0.55
CA ARG A 17 -0.16 4.40 -1.12
C ARG A 17 -0.34 3.33 -2.17
N SER A 18 0.72 3.01 -2.88
CA SER A 18 0.63 2.02 -3.94
C SER A 18 1.94 1.25 -4.07
N PHE A 19 1.84 -0.08 -4.12
CA PHE A 19 3.03 -0.92 -4.20
C PHE A 19 2.91 -1.94 -5.32
N SER A 20 3.94 -2.76 -5.43
CA SER A 20 3.93 -3.89 -6.34
C SER A 20 4.37 -5.14 -5.57
N ARG A 21 4.70 -4.92 -4.30
CA ARG A 21 5.17 -5.99 -3.42
C ARG A 21 4.07 -6.41 -2.46
N SER A 22 3.72 -7.69 -2.46
CA SER A 22 2.61 -8.20 -1.66
C SER A 22 2.98 -8.37 -0.19
N ASP A 23 4.26 -8.33 0.12
CA ASP A 23 4.73 -8.51 1.50
C ASP A 23 5.30 -7.20 2.02
N HIS A 24 5.59 -6.31 1.10
CA HIS A 24 6.10 -5.01 1.52
C HIS A 24 4.97 -4.05 1.81
N LEU A 25 3.92 -4.14 1.01
CA LEU A 25 2.71 -3.38 1.27
C LEU A 25 1.87 -4.08 2.33
N ALA A 26 2.16 -5.35 2.58
CA ALA A 26 1.58 -6.04 3.72
C ALA A 26 2.28 -5.57 5.00
N LEU A 27 3.59 -5.41 4.93
CA LEU A 27 4.37 -4.89 6.05
C LEU A 27 4.00 -3.43 6.31
N HIS A 28 3.85 -2.69 5.23
CA HIS A 28 3.48 -1.28 5.28
C HIS A 28 2.11 -1.12 5.93
N ARG A 29 1.22 -2.06 5.67
CA ARG A 29 -0.14 -2.01 6.16
C ARG A 29 -0.24 -2.53 7.60
N LYS A 30 0.74 -3.35 8.01
CA LYS A 30 0.78 -3.87 9.37
C LYS A 30 0.99 -2.74 10.37
N ARG A 31 1.84 -1.79 9.99
CA ARG A 31 2.12 -0.64 10.84
C ARG A 31 0.92 0.31 10.88
N HIS A 32 0.00 0.13 9.94
CA HIS A 32 -1.24 0.91 9.92
C HIS A 32 -2.14 0.46 11.05
N MET A 33 -2.10 -0.84 11.34
CA MET A 33 -2.90 -1.43 12.39
C MET A 33 -2.24 -1.19 13.74
N LEU A 34 -0.95 -0.87 13.71
CA LEU A 34 -0.16 -0.63 14.91
C LEU A 34 -0.20 -1.84 15.82
N VAL A 35 0.18 -2.98 15.26
CA VAL A 35 0.15 -4.24 15.97
C VAL A 35 1.07 -5.24 15.29
ZN ZN B . -0.72 2.89 3.64
N GLY A 1 4.43 7.79 -16.86
CA GLY A 1 3.27 8.70 -17.03
C GLY A 1 2.77 9.20 -15.69
N SER A 2 1.59 9.82 -15.69
CA SER A 2 0.99 10.32 -14.46
C SER A 2 0.21 9.22 -13.76
N THR A 3 0.12 8.08 -14.43
CA THR A 3 -0.56 6.91 -13.87
C THR A 3 0.17 6.41 -12.63
N GLY A 4 -0.53 6.41 -11.51
CA GLY A 4 0.07 6.01 -10.25
C GLY A 4 -0.78 4.99 -9.53
N ILE A 5 -1.46 4.16 -10.31
CA ILE A 5 -2.31 3.13 -9.76
C ILE A 5 -1.59 1.78 -9.76
N LYS A 6 -1.60 1.11 -8.63
CA LYS A 6 -0.97 -0.19 -8.48
C LYS A 6 -2.00 -1.23 -8.07
N PRO A 7 -1.78 -2.50 -8.42
CA PRO A 7 -2.68 -3.58 -8.01
C PRO A 7 -2.53 -3.86 -6.52
N PHE A 8 -1.37 -3.49 -5.99
CA PHE A 8 -1.08 -3.61 -4.57
C PHE A 8 -1.24 -2.25 -3.91
N GLN A 9 -2.35 -1.60 -4.21
CA GLN A 9 -2.63 -0.27 -3.69
C GLN A 9 -3.04 -0.36 -2.23
N CYS A 10 -2.48 0.50 -1.39
CA CYS A 10 -2.86 0.57 0.01
C CYS A 10 -4.24 1.21 0.13
N THR A 11 -5.15 0.54 0.81
CA THR A 11 -6.53 0.98 0.91
C THR A 11 -6.74 1.95 2.07
N TRP A 12 -5.65 2.55 2.55
CA TRP A 12 -5.75 3.53 3.63
C TRP A 12 -6.22 4.87 3.07
N PRO A 13 -7.24 5.47 3.69
CA PRO A 13 -7.84 6.74 3.21
C PRO A 13 -6.86 7.90 3.26
N ASP A 14 -6.27 8.14 4.42
CA ASP A 14 -5.36 9.26 4.62
C ASP A 14 -4.00 9.01 3.95
N CYS A 15 -3.69 7.73 3.78
CA CYS A 15 -2.42 7.33 3.20
C CYS A 15 -2.54 7.22 1.68
N ASP A 16 -3.28 6.22 1.21
CA ASP A 16 -3.50 5.99 -0.22
C ASP A 16 -2.17 5.76 -0.94
N ARG A 17 -1.53 4.66 -0.60
CA ARG A 17 -0.26 4.30 -1.18
C ARG A 17 -0.46 3.25 -2.26
N SER A 18 0.60 2.93 -2.99
CA SER A 18 0.49 1.94 -4.05
C SER A 18 1.80 1.19 -4.20
N PHE A 19 1.74 -0.13 -4.14
CA PHE A 19 2.94 -0.93 -4.16
C PHE A 19 2.94 -1.91 -5.32
N SER A 20 4.09 -2.50 -5.55
CA SER A 20 4.22 -3.60 -6.50
C SER A 20 4.70 -4.83 -5.72
N ARG A 21 5.01 -4.59 -4.45
CA ARG A 21 5.54 -5.59 -3.55
C ARG A 21 4.45 -6.13 -2.62
N SER A 22 4.27 -7.44 -2.61
CA SER A 22 3.18 -8.06 -1.86
C SER A 22 3.51 -8.22 -0.37
N ASP A 23 4.79 -8.27 -0.03
CA ASP A 23 5.21 -8.46 1.35
C ASP A 23 5.67 -7.14 1.95
N HIS A 24 5.72 -6.14 1.08
CA HIS A 24 6.08 -4.82 1.54
C HIS A 24 4.85 -4.00 1.89
N LEU A 25 3.84 -4.09 1.06
CA LEU A 25 2.58 -3.40 1.31
C LEU A 25 1.74 -4.12 2.37
N ALA A 26 1.98 -5.41 2.53
CA ALA A 26 1.31 -6.16 3.60
C ALA A 26 1.85 -5.74 4.96
N LEU A 27 3.16 -5.56 5.05
CA LEU A 27 3.79 -5.10 6.30
C LEU A 27 3.56 -3.61 6.48
N HIS A 28 3.47 -2.90 5.36
CA HIS A 28 3.14 -1.49 5.36
C HIS A 28 1.77 -1.28 5.98
N ARG A 29 0.89 -2.24 5.73
CA ARG A 29 -0.46 -2.20 6.24
C ARG A 29 -0.54 -2.80 7.64
N LYS A 30 0.53 -3.48 8.05
CA LYS A 30 0.61 -4.04 9.40
C LYS A 30 0.92 -2.96 10.41
N ARG A 31 1.90 -2.11 10.09
CA ARG A 31 2.28 -1.02 10.97
C ARG A 31 1.21 0.08 10.96
N HIS A 32 0.34 0.02 9.97
CA HIS A 32 -0.78 0.95 9.86
C HIS A 32 -1.73 0.81 11.05
N MET A 33 -2.08 -0.43 11.36
CA MET A 33 -2.96 -0.72 12.48
C MET A 33 -2.16 -0.90 13.76
N LEU A 34 -0.87 -0.59 13.66
CA LEU A 34 0.07 -0.70 14.78
C LEU A 34 0.09 -2.13 15.34
N VAL A 35 0.36 -3.08 14.46
CA VAL A 35 0.51 -4.46 14.86
C VAL A 35 1.88 -4.98 14.43
ZN ZN B . -0.71 2.95 3.59
N GLY A 1 7.76 9.69 -8.36
CA GLY A 1 7.22 8.43 -8.93
C GLY A 1 6.12 8.69 -9.94
N SER A 2 6.38 8.36 -11.20
CA SER A 2 5.42 8.62 -12.27
C SER A 2 4.35 7.54 -12.35
N THR A 3 4.34 6.63 -11.40
CA THR A 3 3.38 5.55 -11.37
C THR A 3 2.66 5.49 -10.03
N GLY A 4 1.43 6.00 -9.99
CA GLY A 4 0.68 6.02 -8.75
C GLY A 4 -0.43 4.98 -8.71
N ILE A 5 -0.68 4.36 -9.86
CA ILE A 5 -1.70 3.34 -9.96
C ILE A 5 -1.09 1.95 -9.89
N LYS A 6 -1.29 1.28 -8.76
CA LYS A 6 -0.72 -0.04 -8.53
C LYS A 6 -1.82 -1.03 -8.14
N PRO A 7 -1.62 -2.31 -8.43
CA PRO A 7 -2.59 -3.36 -8.07
C PRO A 7 -2.53 -3.65 -6.57
N PHE A 8 -1.36 -3.46 -6.00
CA PHE A 8 -1.16 -3.65 -4.57
C PHE A 8 -1.27 -2.30 -3.88
N GLN A 9 -2.37 -1.62 -4.13
CA GLN A 9 -2.58 -0.28 -3.60
C GLN A 9 -3.04 -0.35 -2.15
N CYS A 10 -2.54 0.58 -1.34
CA CYS A 10 -2.96 0.67 0.04
C CYS A 10 -4.28 1.43 0.11
N THR A 11 -5.29 0.78 0.66
CA THR A 11 -6.62 1.36 0.70
C THR A 11 -6.86 2.19 1.97
N TRP A 12 -5.77 2.71 2.55
CA TRP A 12 -5.89 3.58 3.71
C TRP A 12 -6.33 4.98 3.27
N PRO A 13 -7.36 5.54 3.93
CA PRO A 13 -8.00 6.80 3.52
C PRO A 13 -7.04 7.98 3.44
N ASP A 14 -6.32 8.25 4.52
CA ASP A 14 -5.42 9.40 4.58
C ASP A 14 -4.07 9.09 3.95
N CYS A 15 -3.81 7.81 3.75
CA CYS A 15 -2.54 7.36 3.20
C CYS A 15 -2.64 7.22 1.69
N ASP A 16 -3.32 6.17 1.24
CA ASP A 16 -3.50 5.89 -0.19
C ASP A 16 -2.16 5.65 -0.86
N ARG A 17 -1.50 4.59 -0.45
CA ARG A 17 -0.21 4.22 -1.01
C ARG A 17 -0.41 3.18 -2.10
N SER A 18 0.65 2.79 -2.78
CA SER A 18 0.53 1.84 -3.87
C SER A 18 1.83 1.07 -4.05
N PHE A 19 1.74 -0.26 -4.05
CA PHE A 19 2.92 -1.10 -4.11
C PHE A 19 2.84 -2.07 -5.28
N SER A 20 3.94 -2.77 -5.50
CA SER A 20 3.97 -3.87 -6.45
C SER A 20 4.42 -5.15 -5.72
N ARG A 21 4.94 -4.94 -4.52
CA ARG A 21 5.41 -6.04 -3.68
C ARG A 21 4.39 -6.36 -2.59
N SER A 22 4.06 -7.64 -2.49
CA SER A 22 3.05 -8.10 -1.55
C SER A 22 3.61 -8.20 -0.13
N ASP A 23 4.92 -8.39 -0.01
CA ASP A 23 5.55 -8.51 1.30
C ASP A 23 5.90 -7.14 1.85
N HIS A 24 5.74 -6.15 0.99
CA HIS A 24 6.08 -4.81 1.41
C HIS A 24 4.85 -4.01 1.80
N LEU A 25 3.80 -4.17 1.04
CA LEU A 25 2.53 -3.53 1.35
C LEU A 25 1.79 -4.27 2.46
N ALA A 26 2.19 -5.52 2.70
CA ALA A 26 1.69 -6.24 3.87
C ALA A 26 2.37 -5.72 5.14
N LEU A 27 3.64 -5.38 5.02
CA LEU A 27 4.40 -4.79 6.12
C LEU A 27 3.86 -3.39 6.39
N HIS A 28 3.74 -2.64 5.32
CA HIS A 28 3.23 -1.27 5.37
C HIS A 28 1.84 -1.23 5.99
N ARG A 29 0.97 -2.16 5.60
CA ARG A 29 -0.40 -2.16 6.05
C ARG A 29 -0.54 -2.72 7.46
N LYS A 30 0.40 -3.55 7.88
CA LYS A 30 0.40 -4.07 9.24
C LYS A 30 0.90 -2.98 10.19
N ARG A 31 1.71 -2.09 9.66
CA ARG A 31 2.20 -0.94 10.41
C ARG A 31 1.07 0.08 10.62
N HIS A 32 0.04 -0.04 9.80
CA HIS A 32 -1.12 0.84 9.90
C HIS A 32 -1.99 0.44 11.08
N MET A 33 -2.26 -0.86 11.20
CA MET A 33 -3.10 -1.38 12.26
C MET A 33 -2.37 -1.34 13.60
N LEU A 34 -1.05 -1.18 13.54
CA LEU A 34 -0.24 -1.11 14.75
C LEU A 34 0.57 0.18 14.76
N VAL A 35 -0.11 1.29 14.99
CA VAL A 35 0.54 2.59 15.05
C VAL A 35 0.84 2.99 16.48
ZN ZN B . -0.81 3.02 3.69
N GLY A 1 -0.04 2.35 -21.09
CA GLY A 1 -0.40 3.68 -20.55
C GLY A 1 0.42 4.02 -19.32
N SER A 2 -0.07 4.94 -18.51
CA SER A 2 0.61 5.31 -17.28
C SER A 2 0.36 4.25 -16.21
N THR A 3 1.40 3.85 -15.50
CA THR A 3 1.29 2.82 -14.49
C THR A 3 1.21 3.43 -13.09
N GLY A 4 0.35 4.43 -12.93
CA GLY A 4 0.18 5.04 -11.63
C GLY A 4 -0.72 4.21 -10.77
N ILE A 5 -1.63 3.50 -11.40
CA ILE A 5 -2.53 2.59 -10.71
C ILE A 5 -1.80 1.27 -10.43
N LYS A 6 -1.64 0.96 -9.16
CA LYS A 6 -0.97 -0.25 -8.74
C LYS A 6 -2.00 -1.22 -8.17
N PRO A 7 -1.82 -2.52 -8.39
CA PRO A 7 -2.75 -3.54 -7.92
C PRO A 7 -2.62 -3.76 -6.43
N PHE A 8 -1.40 -3.59 -5.94
CA PHE A 8 -1.11 -3.69 -4.52
C PHE A 8 -1.22 -2.32 -3.88
N GLN A 9 -2.31 -1.63 -4.19
CA GLN A 9 -2.54 -0.29 -3.69
C GLN A 9 -3.01 -0.35 -2.25
N CYS A 10 -2.43 0.50 -1.40
CA CYS A 10 -2.86 0.58 -0.03
C CYS A 10 -4.19 1.31 0.04
N THR A 11 -5.15 0.70 0.72
CA THR A 11 -6.50 1.23 0.76
C THR A 11 -6.71 2.17 1.95
N TRP A 12 -5.62 2.56 2.61
CA TRP A 12 -5.74 3.49 3.73
C TRP A 12 -6.12 4.89 3.23
N PRO A 13 -7.19 5.48 3.78
CA PRO A 13 -7.76 6.74 3.30
C PRO A 13 -6.77 7.91 3.34
N ASP A 14 -6.22 8.18 4.51
CA ASP A 14 -5.31 9.32 4.68
C ASP A 14 -3.91 8.99 4.18
N CYS A 15 -3.73 7.75 3.77
CA CYS A 15 -2.45 7.30 3.25
C CYS A 15 -2.48 7.27 1.72
N ASP A 16 -3.17 6.29 1.18
CA ASP A 16 -3.34 6.12 -0.26
C ASP A 16 -2.00 5.80 -0.91
N ARG A 17 -1.39 4.72 -0.46
CA ARG A 17 -0.13 4.27 -1.02
C ARG A 17 -0.42 3.24 -2.10
N SER A 18 0.61 2.85 -2.81
CA SER A 18 0.46 1.92 -3.91
C SER A 18 1.74 1.14 -4.12
N PHE A 19 1.64 -0.19 -4.19
CA PHE A 19 2.82 -1.04 -4.26
C PHE A 19 2.74 -2.02 -5.41
N SER A 20 3.83 -2.73 -5.60
CA SER A 20 3.86 -3.89 -6.49
C SER A 20 4.43 -5.08 -5.73
N ARG A 21 4.87 -4.80 -4.49
CA ARG A 21 5.42 -5.82 -3.60
C ARG A 21 4.41 -6.24 -2.55
N SER A 22 4.15 -7.53 -2.48
CA SER A 22 3.16 -8.07 -1.55
C SER A 22 3.69 -8.10 -0.11
N ASP A 23 5.01 -8.17 0.05
CA ASP A 23 5.62 -8.22 1.37
C ASP A 23 5.85 -6.80 1.88
N HIS A 24 5.86 -5.88 0.94
CA HIS A 24 6.08 -4.49 1.30
C HIS A 24 4.79 -3.83 1.72
N LEU A 25 3.75 -4.04 0.95
CA LEU A 25 2.44 -3.47 1.26
C LEU A 25 1.73 -4.26 2.36
N ALA A 26 2.18 -5.47 2.63
CA ALA A 26 1.67 -6.22 3.78
C ALA A 26 2.25 -5.68 5.08
N LEU A 27 3.55 -5.40 5.09
CA LEU A 27 4.20 -4.87 6.28
C LEU A 27 3.82 -3.41 6.46
N HIS A 28 3.72 -2.70 5.36
CA HIS A 28 3.29 -1.30 5.38
C HIS A 28 1.88 -1.19 5.95
N ARG A 29 1.06 -2.20 5.70
CA ARG A 29 -0.33 -2.17 6.12
C ARG A 29 -0.50 -2.71 7.54
N LYS A 30 0.35 -3.64 7.93
CA LYS A 30 0.26 -4.20 9.28
C LYS A 30 0.64 -3.15 10.32
N ARG A 31 1.53 -2.24 9.94
CA ARG A 31 1.93 -1.14 10.82
C ARG A 31 0.87 -0.03 10.84
N HIS A 32 -0.10 -0.13 9.94
CA HIS A 32 -1.22 0.80 9.92
C HIS A 32 -2.16 0.48 11.07
N MET A 33 -2.22 -0.80 11.42
CA MET A 33 -3.12 -1.28 12.45
C MET A 33 -2.54 -1.00 13.84
N LEU A 34 -1.23 -0.82 13.90
CA LEU A 34 -0.56 -0.55 15.15
C LEU A 34 0.39 0.64 14.98
N VAL A 35 -0.15 1.83 15.16
CA VAL A 35 0.61 3.05 14.96
C VAL A 35 0.33 4.04 16.09
ZN ZN B . -0.76 2.89 3.65
N GLY A 1 2.00 -0.45 -22.69
CA GLY A 1 3.33 -0.75 -22.11
C GLY A 1 3.22 -1.32 -20.71
N SER A 2 3.72 -0.59 -19.74
CA SER A 2 3.65 -1.01 -18.35
C SER A 2 2.68 -0.12 -17.57
N THR A 3 2.00 -0.72 -16.60
CA THR A 3 1.06 0.02 -15.79
C THR A 3 1.77 0.87 -14.74
N GLY A 4 1.42 2.14 -14.69
CA GLY A 4 1.96 3.01 -13.67
C GLY A 4 1.14 2.93 -12.41
N ILE A 5 -0.09 2.49 -12.58
CA ILE A 5 -0.98 2.25 -11.47
C ILE A 5 -0.65 0.90 -10.84
N LYS A 6 -0.56 0.88 -9.53
CA LYS A 6 -0.17 -0.33 -8.81
C LYS A 6 -1.38 -1.18 -8.46
N PRO A 7 -1.24 -2.51 -8.55
CA PRO A 7 -2.31 -3.45 -8.27
C PRO A 7 -2.47 -3.67 -6.76
N PHE A 8 -1.37 -3.54 -6.04
CA PHE A 8 -1.37 -3.73 -4.60
C PHE A 8 -1.55 -2.38 -3.91
N GLN A 9 -2.64 -1.72 -4.23
CA GLN A 9 -2.92 -0.39 -3.73
C GLN A 9 -3.27 -0.43 -2.24
N CYS A 10 -2.66 0.46 -1.47
CA CYS A 10 -3.01 0.60 -0.06
C CYS A 10 -4.35 1.32 0.06
N THR A 11 -5.27 0.71 0.80
CA THR A 11 -6.62 1.25 0.92
C THR A 11 -6.78 2.10 2.17
N TRP A 12 -5.70 2.75 2.62
CA TRP A 12 -5.80 3.65 3.75
C TRP A 12 -6.17 5.05 3.26
N PRO A 13 -7.20 5.67 3.86
CA PRO A 13 -7.73 6.96 3.39
C PRO A 13 -6.69 8.09 3.37
N ASP A 14 -6.14 8.40 4.53
CA ASP A 14 -5.17 9.49 4.66
C ASP A 14 -3.86 9.15 3.93
N CYS A 15 -3.55 7.87 3.89
CA CYS A 15 -2.34 7.37 3.27
C CYS A 15 -2.48 7.35 1.75
N ASP A 16 -3.33 6.44 1.27
CA ASP A 16 -3.59 6.29 -0.16
C ASP A 16 -2.32 5.93 -0.90
N ARG A 17 -1.75 4.79 -0.57
CA ARG A 17 -0.52 4.34 -1.19
C ARG A 17 -0.80 3.30 -2.25
N SER A 18 0.25 2.84 -2.90
CA SER A 18 0.12 1.86 -3.97
C SER A 18 1.42 1.08 -4.14
N PHE A 19 1.31 -0.25 -4.14
CA PHE A 19 2.50 -1.09 -4.16
C PHE A 19 2.46 -2.11 -5.28
N SER A 20 3.58 -2.76 -5.47
CA SER A 20 3.68 -3.89 -6.39
C SER A 20 4.31 -5.06 -5.64
N ARG A 21 4.73 -4.77 -4.41
CA ARG A 21 5.39 -5.74 -3.56
C ARG A 21 4.43 -6.25 -2.49
N SER A 22 4.14 -7.55 -2.54
CA SER A 22 3.19 -8.17 -1.64
C SER A 22 3.73 -8.31 -0.22
N ASP A 23 5.05 -8.24 -0.07
CA ASP A 23 5.68 -8.36 1.24
C ASP A 23 5.97 -7.00 1.82
N HIS A 24 5.85 -6.00 0.96
CA HIS A 24 6.14 -4.64 1.41
C HIS A 24 4.88 -3.91 1.82
N LEU A 25 3.85 -4.04 1.01
CA LEU A 25 2.56 -3.46 1.33
C LEU A 25 1.87 -4.26 2.44
N ALA A 26 2.37 -5.46 2.71
CA ALA A 26 1.89 -6.23 3.85
C ALA A 26 2.38 -5.65 5.16
N LEU A 27 3.68 -5.34 5.25
CA LEU A 27 4.24 -4.75 6.47
C LEU A 27 3.80 -3.30 6.59
N HIS A 28 3.70 -2.63 5.45
CA HIS A 28 3.20 -1.27 5.40
C HIS A 28 1.78 -1.20 5.97
N ARG A 29 1.04 -2.27 5.75
CA ARG A 29 -0.34 -2.33 6.20
C ARG A 29 -0.45 -2.92 7.61
N LYS A 30 0.52 -3.73 8.00
CA LYS A 30 0.53 -4.33 9.32
C LYS A 30 0.77 -3.27 10.38
N ARG A 31 1.71 -2.37 10.11
CA ARG A 31 1.99 -1.26 11.03
C ARG A 31 0.93 -0.17 10.90
N HIS A 32 0.10 -0.27 9.89
CA HIS A 32 -0.99 0.68 9.68
C HIS A 32 -2.01 0.59 10.80
N MET A 33 -2.35 -0.64 11.16
CA MET A 33 -3.34 -0.89 12.21
C MET A 33 -2.69 -0.87 13.60
N LEU A 34 -1.44 -0.46 13.64
CA LEU A 34 -0.73 -0.34 14.91
C LEU A 34 -0.46 1.13 15.22
N VAL A 35 -1.53 1.91 15.23
CA VAL A 35 -1.43 3.33 15.52
C VAL A 35 -1.60 3.59 17.01
ZN ZN B . -0.80 2.96 3.51
N GLY A 1 1.18 3.31 -22.07
CA GLY A 1 2.31 2.61 -21.44
C GLY A 1 1.86 1.70 -20.32
N SER A 2 2.66 1.61 -19.27
CA SER A 2 2.33 0.77 -18.12
C SER A 2 1.28 1.43 -17.25
N THR A 3 0.48 0.62 -16.57
CA THR A 3 -0.57 1.10 -15.69
C THR A 3 0.03 1.92 -14.54
N GLY A 4 -0.62 3.03 -14.21
CA GLY A 4 -0.14 3.87 -13.14
C GLY A 4 -0.66 3.40 -11.80
N ILE A 5 -1.95 3.10 -11.75
CA ILE A 5 -2.57 2.59 -10.55
C ILE A 5 -2.05 1.18 -10.27
N LYS A 6 -1.45 1.00 -9.10
CA LYS A 6 -0.86 -0.27 -8.73
C LYS A 6 -1.92 -1.24 -8.25
N PRO A 7 -1.71 -2.54 -8.50
CA PRO A 7 -2.61 -3.58 -8.06
C PRO A 7 -2.56 -3.76 -6.55
N PHE A 8 -1.37 -3.52 -5.99
CA PHE A 8 -1.16 -3.64 -4.56
C PHE A 8 -1.29 -2.26 -3.92
N GLN A 9 -2.34 -1.55 -4.28
CA GLN A 9 -2.58 -0.22 -3.75
C GLN A 9 -3.01 -0.32 -2.30
N CYS A 10 -2.55 0.62 -1.48
CA CYS A 10 -2.95 0.66 -0.09
C CYS A 10 -4.30 1.36 0.02
N THR A 11 -5.23 0.71 0.71
CA THR A 11 -6.60 1.21 0.81
C THR A 11 -6.78 2.08 2.04
N TRP A 12 -5.70 2.63 2.57
CA TRP A 12 -5.79 3.51 3.72
C TRP A 12 -6.25 4.91 3.29
N PRO A 13 -7.25 5.46 4.00
CA PRO A 13 -7.86 6.75 3.63
C PRO A 13 -6.86 7.90 3.54
N ASP A 14 -6.20 8.21 4.64
CA ASP A 14 -5.27 9.34 4.70
C ASP A 14 -3.94 9.00 4.02
N CYS A 15 -3.73 7.73 3.76
CA CYS A 15 -2.49 7.28 3.15
C CYS A 15 -2.62 7.19 1.64
N ASP A 16 -3.35 6.17 1.17
CA ASP A 16 -3.55 5.93 -0.26
C ASP A 16 -2.22 5.69 -0.97
N ARG A 17 -1.51 4.68 -0.48
CA ARG A 17 -0.23 4.31 -1.05
C ARG A 17 -0.46 3.29 -2.17
N SER A 18 0.60 2.93 -2.87
CA SER A 18 0.50 2.01 -3.98
C SER A 18 1.77 1.18 -4.13
N PHE A 19 1.62 -0.13 -4.16
CA PHE A 19 2.79 -1.00 -4.13
C PHE A 19 2.78 -2.00 -5.28
N SER A 20 3.91 -2.66 -5.42
CA SER A 20 4.06 -3.78 -6.34
C SER A 20 4.58 -4.99 -5.56
N ARG A 21 4.98 -4.74 -4.31
CA ARG A 21 5.51 -5.79 -3.44
C ARG A 21 4.46 -6.25 -2.44
N SER A 22 4.11 -7.53 -2.49
CA SER A 22 3.09 -8.10 -1.62
C SER A 22 3.58 -8.24 -0.18
N ASP A 23 4.89 -8.30 0.01
CA ASP A 23 5.47 -8.48 1.35
C ASP A 23 5.83 -7.13 1.94
N HIS A 24 5.74 -6.12 1.09
CA HIS A 24 6.09 -4.79 1.56
C HIS A 24 4.85 -3.99 1.90
N LEU A 25 3.85 -4.06 1.07
CA LEU A 25 2.58 -3.41 1.33
C LEU A 25 1.80 -4.16 2.41
N ALA A 26 2.14 -5.43 2.63
CA ALA A 26 1.58 -6.16 3.75
C ALA A 26 2.17 -5.65 5.06
N LEU A 27 3.47 -5.45 5.07
CA LEU A 27 4.16 -4.89 6.25
C LEU A 27 3.70 -3.46 6.48
N HIS A 28 3.68 -2.70 5.38
CA HIS A 28 3.25 -1.32 5.40
C HIS A 28 1.84 -1.19 5.96
N ARG A 29 0.97 -2.13 5.60
CA ARG A 29 -0.41 -2.11 6.02
C ARG A 29 -0.57 -2.70 7.43
N LYS A 30 0.34 -3.58 7.81
CA LYS A 30 0.33 -4.14 9.16
C LYS A 30 0.72 -3.07 10.16
N ARG A 31 1.71 -2.26 9.78
CA ARG A 31 2.20 -1.18 10.62
C ARG A 31 1.16 -0.06 10.72
N HIS A 32 0.16 -0.11 9.87
CA HIS A 32 -0.87 0.92 9.83
C HIS A 32 -1.76 0.87 11.07
N MET A 33 -1.85 -0.31 11.66
CA MET A 33 -2.70 -0.51 12.84
C MET A 33 -2.15 0.29 14.01
N LEU A 34 -0.81 0.37 14.08
CA LEU A 34 -0.11 1.12 15.12
C LEU A 34 -0.51 0.64 16.51
N VAL A 35 -0.46 -0.66 16.70
CA VAL A 35 -0.76 -1.26 17.99
C VAL A 35 0.36 -2.18 18.42
ZN ZN B . -0.76 2.90 3.57
N GLY A 1 9.53 5.60 -16.09
CA GLY A 1 8.52 4.55 -15.86
C GLY A 1 8.06 4.49 -14.41
N SER A 2 7.23 5.44 -14.01
CA SER A 2 6.70 5.47 -12.65
C SER A 2 5.23 5.06 -12.66
N THR A 3 4.96 3.84 -12.24
CA THR A 3 3.60 3.31 -12.26
C THR A 3 2.72 4.00 -11.23
N GLY A 4 1.55 4.45 -11.67
CA GLY A 4 0.59 5.04 -10.77
C GLY A 4 -0.49 4.06 -10.42
N ILE A 5 -0.68 3.08 -11.29
CA ILE A 5 -1.65 2.02 -11.07
C ILE A 5 -0.97 0.77 -10.54
N LYS A 6 -1.24 0.45 -9.29
CA LYS A 6 -0.65 -0.72 -8.66
C LYS A 6 -1.74 -1.68 -8.22
N PRO A 7 -1.46 -2.98 -8.28
CA PRO A 7 -2.42 -4.01 -7.89
C PRO A 7 -2.56 -4.08 -6.38
N PHE A 8 -1.48 -3.72 -5.71
CA PHE A 8 -1.42 -3.74 -4.26
C PHE A 8 -1.58 -2.33 -3.72
N GLN A 9 -2.66 -1.68 -4.12
CA GLN A 9 -2.93 -0.32 -3.71
C GLN A 9 -3.39 -0.29 -2.26
N CYS A 10 -2.66 0.44 -1.42
CA CYS A 10 -3.01 0.54 -0.01
C CYS A 10 -4.36 1.23 0.15
N THR A 11 -5.24 0.61 0.91
CA THR A 11 -6.60 1.09 1.06
C THR A 11 -6.75 2.03 2.26
N TRP A 12 -5.68 2.73 2.62
CA TRP A 12 -5.75 3.71 3.69
C TRP A 12 -6.06 5.08 3.09
N PRO A 13 -7.10 5.75 3.60
CA PRO A 13 -7.61 7.01 3.03
C PRO A 13 -6.57 8.12 2.99
N ASP A 14 -6.11 8.55 4.16
CA ASP A 14 -5.17 9.65 4.25
C ASP A 14 -3.81 9.27 3.67
N CYS A 15 -3.44 8.01 3.88
CA CYS A 15 -2.17 7.48 3.38
C CYS A 15 -2.14 7.50 1.86
N ASP A 16 -3.07 6.79 1.22
CA ASP A 16 -3.20 6.75 -0.23
C ASP A 16 -1.92 6.21 -0.87
N ARG A 17 -1.56 4.99 -0.49
CA ARG A 17 -0.35 4.36 -1.00
C ARG A 17 -0.68 3.32 -2.09
N SER A 18 0.34 2.87 -2.80
CA SER A 18 0.15 1.88 -3.85
C SER A 18 1.43 1.08 -4.04
N PHE A 19 1.31 -0.25 -4.02
CA PHE A 19 2.49 -1.11 -4.03
C PHE A 19 2.48 -2.09 -5.19
N SER A 20 3.66 -2.52 -5.57
CA SER A 20 3.82 -3.62 -6.49
C SER A 20 4.55 -4.76 -5.76
N ARG A 21 5.00 -4.43 -4.56
CA ARG A 21 5.69 -5.38 -3.70
C ARG A 21 4.75 -5.88 -2.61
N SER A 22 4.42 -7.16 -2.67
CA SER A 22 3.49 -7.77 -1.73
C SER A 22 4.06 -7.79 -0.31
N ASP A 23 5.37 -7.97 -0.20
CA ASP A 23 6.04 -8.05 1.10
C ASP A 23 6.20 -6.66 1.70
N HIS A 24 5.95 -5.66 0.87
CA HIS A 24 6.01 -4.30 1.39
C HIS A 24 4.65 -3.83 1.86
N LEU A 25 3.65 -3.99 1.03
CA LEU A 25 2.31 -3.54 1.37
C LEU A 25 1.68 -4.41 2.45
N ALA A 26 2.11 -5.66 2.59
CA ALA A 26 1.61 -6.49 3.66
C ALA A 26 2.15 -6.03 5.01
N LEU A 27 3.42 -5.63 5.05
CA LEU A 27 4.02 -5.13 6.28
C LEU A 27 3.61 -3.68 6.51
N HIS A 28 3.50 -2.94 5.42
CA HIS A 28 3.02 -1.55 5.44
C HIS A 28 1.62 -1.49 6.04
N ARG A 29 0.83 -2.53 5.78
CA ARG A 29 -0.54 -2.58 6.25
C ARG A 29 -0.62 -3.11 7.67
N LYS A 30 0.36 -3.93 8.06
CA LYS A 30 0.41 -4.47 9.41
C LYS A 30 0.75 -3.38 10.41
N ARG A 31 1.60 -2.45 10.00
CA ARG A 31 2.00 -1.35 10.87
C ARG A 31 1.09 -0.15 10.67
N HIS A 32 -0.03 -0.38 10.01
CA HIS A 32 -1.00 0.68 9.76
C HIS A 32 -1.98 0.79 10.92
N MET A 33 -1.78 -0.03 11.93
CA MET A 33 -2.68 -0.03 13.08
C MET A 33 -2.46 1.20 13.95
N LEU A 34 -1.25 1.76 13.90
CA LEU A 34 -0.94 2.96 14.67
C LEU A 34 -0.12 3.96 13.87
N VAL A 35 0.02 3.66 12.59
CA VAL A 35 0.67 4.58 11.65
C VAL A 35 0.02 4.48 10.28
ZN ZN B . -0.85 2.95 3.62
N GLY A 1 7.95 0.47 -18.57
CA GLY A 1 6.96 1.57 -18.53
C GLY A 1 6.71 2.05 -17.12
N SER A 2 6.63 3.36 -16.94
CA SER A 2 6.42 3.95 -15.62
C SER A 2 4.97 3.77 -15.17
N THR A 3 4.75 2.77 -14.33
CA THR A 3 3.42 2.44 -13.87
C THR A 3 2.99 3.34 -12.72
N GLY A 4 1.89 4.05 -12.89
CA GLY A 4 1.37 4.90 -11.86
C GLY A 4 0.22 4.24 -11.14
N ILE A 5 -0.45 3.34 -11.83
CA ILE A 5 -1.55 2.58 -11.27
C ILE A 5 -1.05 1.21 -10.81
N LYS A 6 -1.02 1.00 -9.51
CA LYS A 6 -0.52 -0.24 -8.95
C LYS A 6 -1.68 -1.12 -8.52
N PRO A 7 -1.55 -2.45 -8.71
CA PRO A 7 -2.58 -3.40 -8.29
C PRO A 7 -2.58 -3.60 -6.79
N PHE A 8 -1.41 -3.42 -6.19
CA PHE A 8 -1.25 -3.54 -4.75
C PHE A 8 -1.39 -2.17 -4.11
N GLN A 9 -2.45 -1.46 -4.46
CA GLN A 9 -2.70 -0.14 -3.91
C GLN A 9 -3.13 -0.27 -2.45
N CYS A 10 -2.54 0.53 -1.59
CA CYS A 10 -2.90 0.52 -0.19
C CYS A 10 -4.28 1.12 0.01
N THR A 11 -5.12 0.41 0.76
CA THR A 11 -6.49 0.81 0.94
C THR A 11 -6.68 1.71 2.16
N TRP A 12 -5.59 2.27 2.68
CA TRP A 12 -5.68 3.19 3.80
C TRP A 12 -6.03 4.58 3.30
N PRO A 13 -7.15 5.16 3.78
CA PRO A 13 -7.67 6.45 3.30
C PRO A 13 -6.71 7.61 3.55
N ASP A 14 -6.21 7.70 4.77
CA ASP A 14 -5.30 8.78 5.15
C ASP A 14 -3.95 8.64 4.46
N CYS A 15 -3.69 7.45 3.96
CA CYS A 15 -2.41 7.14 3.35
C CYS A 15 -2.48 7.20 1.83
N ASP A 16 -3.22 6.27 1.22
CA ASP A 16 -3.37 6.17 -0.23
C ASP A 16 -2.03 5.86 -0.89
N ARG A 17 -1.50 4.70 -0.57
CA ARG A 17 -0.22 4.25 -1.14
C ARG A 17 -0.47 3.27 -2.27
N SER A 18 0.59 2.86 -2.95
CA SER A 18 0.47 1.93 -4.07
C SER A 18 1.75 1.13 -4.22
N PHE A 19 1.62 -0.19 -4.23
CA PHE A 19 2.79 -1.05 -4.16
C PHE A 19 2.85 -2.02 -5.33
N SER A 20 4.03 -2.62 -5.47
CA SER A 20 4.24 -3.71 -6.40
C SER A 20 4.69 -4.94 -5.61
N ARG A 21 5.04 -4.72 -4.34
CA ARG A 21 5.51 -5.78 -3.46
C ARG A 21 4.39 -6.22 -2.52
N SER A 22 4.06 -7.49 -2.56
CA SER A 22 2.98 -8.03 -1.74
C SER A 22 3.39 -8.11 -0.26
N ASP A 23 4.68 -8.24 0.01
CA ASP A 23 5.17 -8.33 1.39
C ASP A 23 5.49 -6.94 1.92
N HIS A 24 5.42 -5.99 1.04
CA HIS A 24 5.68 -4.62 1.46
C HIS A 24 4.39 -3.91 1.81
N LEU A 25 3.39 -4.07 0.98
CA LEU A 25 2.07 -3.52 1.24
C LEU A 25 1.33 -4.34 2.29
N ALA A 26 1.95 -5.45 2.71
CA ALA A 26 1.42 -6.19 3.85
C ALA A 26 2.00 -5.66 5.15
N LEU A 27 3.32 -5.49 5.21
CA LEU A 27 3.98 -4.98 6.41
C LEU A 27 3.70 -3.49 6.59
N HIS A 28 3.65 -2.78 5.47
CA HIS A 28 3.32 -1.36 5.48
C HIS A 28 1.91 -1.16 6.04
N ARG A 29 1.05 -2.13 5.80
CA ARG A 29 -0.32 -2.06 6.26
C ARG A 29 -0.44 -2.56 7.69
N LYS A 30 0.49 -3.39 8.12
CA LYS A 30 0.54 -3.85 9.50
C LYS A 30 0.90 -2.68 10.41
N ARG A 31 1.86 -1.88 9.97
CA ARG A 31 2.32 -0.73 10.74
C ARG A 31 1.32 0.42 10.69
N HIS A 32 0.23 0.23 9.94
CA HIS A 32 -0.83 1.24 9.87
C HIS A 32 -1.66 1.22 11.13
N MET A 33 -1.71 0.06 11.77
CA MET A 33 -2.45 -0.11 13.00
C MET A 33 -1.67 0.50 14.16
N LEU A 34 -0.39 0.78 13.90
CA LEU A 34 0.50 1.41 14.86
C LEU A 34 0.52 0.65 16.18
N VAL A 35 0.80 -0.64 16.09
CA VAL A 35 0.92 -1.49 17.26
C VAL A 35 2.31 -2.09 17.33
ZN ZN B . -0.73 2.72 3.50
N GLY A 1 7.73 1.75 -11.15
CA GLY A 1 7.27 1.50 -12.54
C GLY A 1 6.88 2.77 -13.25
N SER A 2 6.48 2.65 -14.50
CA SER A 2 6.07 3.80 -15.29
C SER A 2 4.62 4.18 -14.99
N THR A 3 3.77 3.16 -14.86
CA THR A 3 2.38 3.37 -14.51
C THR A 3 2.20 3.46 -13.00
N GLY A 4 1.39 4.41 -12.56
CA GLY A 4 1.18 4.60 -11.14
C GLY A 4 0.04 3.76 -10.61
N ILE A 5 -0.73 3.22 -11.54
CA ILE A 5 -1.85 2.34 -11.21
C ILE A 5 -1.33 0.98 -10.74
N LYS A 6 -1.40 0.74 -9.44
CA LYS A 6 -0.86 -0.47 -8.86
C LYS A 6 -1.96 -1.37 -8.34
N PRO A 7 -1.79 -2.69 -8.49
CA PRO A 7 -2.76 -3.67 -8.02
C PRO A 7 -2.69 -3.85 -6.51
N PHE A 8 -1.54 -3.53 -5.95
CA PHE A 8 -1.32 -3.63 -4.52
C PHE A 8 -1.41 -2.24 -3.90
N GLN A 9 -2.45 -1.52 -4.26
CA GLN A 9 -2.65 -0.18 -3.74
C GLN A 9 -3.05 -0.26 -2.27
N CYS A 10 -2.45 0.58 -1.46
CA CYS A 10 -2.81 0.66 -0.06
C CYS A 10 -4.15 1.38 0.07
N THR A 11 -5.16 0.64 0.49
CA THR A 11 -6.51 1.16 0.57
C THR A 11 -6.71 1.94 1.87
N TRP A 12 -5.65 2.58 2.34
CA TRP A 12 -5.74 3.44 3.50
C TRP A 12 -6.13 4.86 3.06
N PRO A 13 -7.26 5.39 3.57
CA PRO A 13 -7.78 6.70 3.15
C PRO A 13 -6.90 7.85 3.61
N ASP A 14 -6.18 7.65 4.70
CA ASP A 14 -5.31 8.67 5.25
C ASP A 14 -3.92 8.59 4.60
N CYS A 15 -3.60 7.42 4.09
CA CYS A 15 -2.29 7.17 3.52
C CYS A 15 -2.33 7.26 1.98
N ASP A 16 -3.06 6.32 1.36
CA ASP A 16 -3.24 6.29 -0.09
C ASP A 16 -1.93 5.98 -0.80
N ARG A 17 -1.35 4.83 -0.47
CA ARG A 17 -0.12 4.37 -1.09
C ARG A 17 -0.43 3.33 -2.16
N SER A 18 0.59 2.88 -2.87
CA SER A 18 0.39 1.89 -3.92
C SER A 18 1.67 1.08 -4.11
N PHE A 19 1.55 -0.24 -4.11
CA PHE A 19 2.74 -1.08 -4.12
C PHE A 19 2.75 -2.08 -5.27
N SER A 20 3.92 -2.63 -5.49
CA SER A 20 4.10 -3.72 -6.44
C SER A 20 4.56 -4.96 -5.66
N ARG A 21 5.03 -4.72 -4.44
CA ARG A 21 5.52 -5.78 -3.55
C ARG A 21 4.47 -6.12 -2.52
N SER A 22 4.03 -7.37 -2.51
CA SER A 22 2.99 -7.82 -1.60
C SER A 22 3.53 -7.99 -0.18
N ASP A 23 4.83 -8.24 -0.06
CA ASP A 23 5.45 -8.43 1.26
C ASP A 23 5.80 -7.08 1.86
N HIS A 24 5.74 -6.08 1.00
CA HIS A 24 6.06 -4.73 1.47
C HIS A 24 4.81 -3.98 1.86
N LEU A 25 3.79 -4.05 1.03
CA LEU A 25 2.52 -3.43 1.33
C LEU A 25 1.75 -4.19 2.41
N ALA A 26 2.10 -5.46 2.61
CA ALA A 26 1.53 -6.21 3.72
C ALA A 26 2.07 -5.71 5.05
N LEU A 27 3.39 -5.53 5.11
CA LEU A 27 4.04 -5.06 6.34
C LEU A 27 3.77 -3.58 6.54
N HIS A 28 3.71 -2.85 5.44
CA HIS A 28 3.40 -1.44 5.46
C HIS A 28 1.99 -1.23 6.00
N ARG A 29 1.10 -2.14 5.64
CA ARG A 29 -0.29 -2.07 6.07
C ARG A 29 -0.43 -2.56 7.51
N LYS A 30 0.48 -3.41 7.94
CA LYS A 30 0.51 -3.86 9.33
C LYS A 30 0.89 -2.69 10.24
N ARG A 31 1.67 -1.77 9.70
CA ARG A 31 2.08 -0.58 10.43
C ARG A 31 0.91 0.37 10.63
N HIS A 32 -0.14 0.16 9.85
CA HIS A 32 -1.34 0.96 9.94
C HIS A 32 -2.25 0.44 11.05
N MET A 33 -2.41 -0.87 11.10
CA MET A 33 -3.30 -1.51 12.06
C MET A 33 -2.63 -1.66 13.41
N LEU A 34 -1.30 -1.66 13.42
CA LEU A 34 -0.54 -1.74 14.65
C LEU A 34 0.16 -0.41 14.91
N VAL A 35 -0.64 0.60 15.21
CA VAL A 35 -0.13 1.93 15.49
C VAL A 35 0.12 2.09 16.98
ZN ZN B . -0.56 2.75 3.62
N GLY A 1 -3.33 2.68 -22.28
CA GLY A 1 -2.79 1.76 -21.25
C GLY A 1 -2.15 2.49 -20.11
N SER A 2 -2.95 2.90 -19.13
CA SER A 2 -2.46 3.64 -18.00
C SER A 2 -1.96 2.70 -16.90
N THR A 3 -0.77 2.16 -17.10
CA THR A 3 -0.17 1.23 -16.14
C THR A 3 0.53 2.00 -15.01
N GLY A 4 -0.03 3.14 -14.65
CA GLY A 4 0.49 3.92 -13.55
C GLY A 4 -0.19 3.54 -12.25
N ILE A 5 -1.38 2.98 -12.37
CA ILE A 5 -2.12 2.51 -11.23
C ILE A 5 -1.55 1.18 -10.77
N LYS A 6 -1.31 1.05 -9.47
CA LYS A 6 -0.73 -0.17 -8.93
C LYS A 6 -1.82 -1.11 -8.44
N PRO A 7 -1.63 -2.41 -8.64
CA PRO A 7 -2.58 -3.43 -8.23
C PRO A 7 -2.56 -3.65 -6.73
N PHE A 8 -1.39 -3.49 -6.14
CA PHE A 8 -1.22 -3.67 -4.71
C PHE A 8 -1.39 -2.33 -4.00
N GLN A 9 -2.43 -1.61 -4.39
CA GLN A 9 -2.68 -0.29 -3.83
C GLN A 9 -3.08 -0.42 -2.37
N CYS A 10 -2.56 0.46 -1.54
CA CYS A 10 -2.91 0.49 -0.14
C CYS A 10 -4.25 1.19 0.05
N THR A 11 -5.21 0.47 0.61
CA THR A 11 -6.56 0.97 0.77
C THR A 11 -6.70 1.81 2.04
N TRP A 12 -5.65 2.53 2.37
CA TRP A 12 -5.70 3.41 3.53
C TRP A 12 -6.13 4.81 3.10
N PRO A 13 -7.06 5.42 3.83
CA PRO A 13 -7.64 6.73 3.45
C PRO A 13 -6.63 7.87 3.52
N ASP A 14 -6.03 8.07 4.69
CA ASP A 14 -5.06 9.14 4.88
C ASP A 14 -3.77 8.84 4.12
N CYS A 15 -3.49 7.57 3.96
CA CYS A 15 -2.29 7.12 3.27
C CYS A 15 -2.48 7.17 1.74
N ASP A 16 -3.23 6.20 1.22
CA ASP A 16 -3.52 6.12 -0.22
C ASP A 16 -2.25 5.81 -1.01
N ARG A 17 -1.48 4.87 -0.49
CA ARG A 17 -0.25 4.44 -1.15
C ARG A 17 -0.55 3.39 -2.21
N SER A 18 0.44 3.03 -3.01
CA SER A 18 0.25 2.05 -4.07
C SER A 18 1.51 1.21 -4.24
N PHE A 19 1.36 -0.11 -4.18
CA PHE A 19 2.52 -0.98 -4.15
C PHE A 19 2.52 -1.97 -5.30
N SER A 20 3.64 -2.69 -5.40
CA SER A 20 3.79 -3.79 -6.32
C SER A 20 4.44 -4.98 -5.60
N ARG A 21 4.85 -4.75 -4.35
CA ARG A 21 5.42 -5.79 -3.51
C ARG A 21 4.38 -6.28 -2.51
N SER A 22 4.11 -7.58 -2.54
CA SER A 22 3.08 -8.18 -1.70
C SER A 22 3.47 -8.20 -0.22
N ASP A 23 4.77 -8.22 0.06
CA ASP A 23 5.24 -8.29 1.45
C ASP A 23 5.61 -6.91 1.95
N HIS A 24 5.83 -6.01 1.01
CA HIS A 24 6.19 -4.65 1.39
C HIS A 24 4.96 -3.87 1.79
N LEU A 25 3.88 -4.06 1.05
CA LEU A 25 2.61 -3.44 1.35
C LEU A 25 1.87 -4.22 2.43
N ALA A 26 2.30 -5.43 2.70
CA ALA A 26 1.75 -6.19 3.81
C ALA A 26 2.31 -5.70 5.15
N LEU A 27 3.61 -5.44 5.18
CA LEU A 27 4.24 -4.95 6.41
C LEU A 27 3.96 -3.46 6.57
N HIS A 28 3.83 -2.77 5.46
CA HIS A 28 3.47 -1.36 5.45
C HIS A 28 2.05 -1.20 6.02
N ARG A 29 1.21 -2.19 5.77
CA ARG A 29 -0.19 -2.12 6.17
C ARG A 29 -0.41 -2.70 7.57
N LYS A 30 0.55 -3.46 8.08
CA LYS A 30 0.41 -4.04 9.40
C LYS A 30 0.72 -3.00 10.48
N ARG A 31 1.55 -2.04 10.12
CA ARG A 31 1.87 -0.94 11.02
C ARG A 31 0.71 0.05 11.09
N HIS A 32 -0.10 0.06 10.03
CA HIS A 32 -1.23 0.94 9.91
C HIS A 32 -2.26 0.68 11.01
N MET A 33 -2.53 -0.59 11.27
CA MET A 33 -3.59 -0.99 12.21
C MET A 33 -3.18 -0.72 13.66
N LEU A 34 -1.96 -0.23 13.85
CA LEU A 34 -1.46 0.18 15.17
C LEU A 34 -1.51 -0.97 16.17
N VAL A 35 -0.93 -2.10 15.79
CA VAL A 35 -0.83 -3.22 16.69
C VAL A 35 0.61 -3.37 17.16
ZN ZN B . -0.65 2.66 3.51
N GLY A 1 -0.79 12.14 -14.43
CA GLY A 1 -0.89 12.11 -12.94
C GLY A 1 0.38 11.56 -12.33
N SER A 2 0.23 10.54 -11.51
CA SER A 2 1.37 9.89 -10.87
C SER A 2 1.29 8.38 -11.07
N THR A 3 2.40 7.70 -10.85
CA THR A 3 2.45 6.25 -10.95
C THR A 3 1.92 5.61 -9.66
N GLY A 4 0.61 5.61 -9.52
CA GLY A 4 0.01 5.09 -8.30
C GLY A 4 -1.06 4.07 -8.59
N ILE A 5 -1.27 3.77 -9.87
CA ILE A 5 -2.24 2.78 -10.28
C ILE A 5 -1.64 1.39 -10.16
N LYS A 6 -1.41 0.96 -8.94
CA LYS A 6 -0.85 -0.34 -8.66
C LYS A 6 -1.94 -1.29 -8.18
N PRO A 7 -1.79 -2.60 -8.43
CA PRO A 7 -2.77 -3.59 -8.02
C PRO A 7 -2.69 -3.84 -6.51
N PHE A 8 -1.51 -3.61 -5.96
CA PHE A 8 -1.28 -3.73 -4.54
C PHE A 8 -1.41 -2.36 -3.89
N GLN A 9 -2.46 -1.65 -4.25
CA GLN A 9 -2.69 -0.31 -3.74
C GLN A 9 -3.09 -0.37 -2.28
N CYS A 10 -2.62 0.58 -1.49
CA CYS A 10 -3.00 0.68 -0.10
C CYS A 10 -4.27 1.51 0.02
N THR A 11 -5.32 0.88 0.50
CA THR A 11 -6.63 1.51 0.58
C THR A 11 -6.80 2.31 1.89
N TRP A 12 -5.69 2.71 2.49
CA TRP A 12 -5.75 3.57 3.67
C TRP A 12 -6.11 4.99 3.24
N PRO A 13 -7.22 5.54 3.74
CA PRO A 13 -7.74 6.85 3.29
C PRO A 13 -6.75 7.99 3.49
N ASP A 14 -6.11 8.02 4.65
CA ASP A 14 -5.15 9.08 4.98
C ASP A 14 -3.81 8.82 4.29
N CYS A 15 -3.62 7.59 3.83
CA CYS A 15 -2.39 7.18 3.22
C CYS A 15 -2.46 7.21 1.69
N ASP A 16 -3.22 6.27 1.13
CA ASP A 16 -3.40 6.15 -0.32
C ASP A 16 -2.08 5.82 -1.01
N ARG A 17 -1.49 4.71 -0.59
CA ARG A 17 -0.22 4.27 -1.15
C ARG A 17 -0.47 3.23 -2.23
N SER A 18 0.58 2.77 -2.88
CA SER A 18 0.43 1.84 -3.97
C SER A 18 1.70 1.01 -4.14
N PHE A 19 1.57 -0.31 -4.11
CA PHE A 19 2.73 -1.17 -4.12
C PHE A 19 2.70 -2.16 -5.28
N SER A 20 3.85 -2.73 -5.55
CA SER A 20 3.96 -3.83 -6.49
C SER A 20 4.50 -5.04 -5.74
N ARG A 21 5.03 -4.77 -4.55
CA ARG A 21 5.58 -5.79 -3.67
C ARG A 21 4.59 -6.12 -2.56
N SER A 22 4.16 -7.36 -2.53
CA SER A 22 3.21 -7.82 -1.53
C SER A 22 3.85 -7.84 -0.14
N ASP A 23 5.14 -8.13 -0.08
CA ASP A 23 5.87 -8.20 1.19
C ASP A 23 6.16 -6.82 1.74
N HIS A 24 5.88 -5.82 0.92
CA HIS A 24 6.05 -4.46 1.40
C HIS A 24 4.74 -3.86 1.84
N LEU A 25 3.72 -4.01 1.03
CA LEU A 25 2.41 -3.47 1.35
C LEU A 25 1.72 -4.28 2.45
N ALA A 26 2.13 -5.53 2.66
CA ALA A 26 1.60 -6.30 3.77
C ALA A 26 2.20 -5.84 5.09
N LEU A 27 3.49 -5.49 5.08
CA LEU A 27 4.14 -5.00 6.28
C LEU A 27 3.80 -3.53 6.49
N HIS A 28 3.69 -2.81 5.39
CA HIS A 28 3.31 -1.39 5.43
C HIS A 28 1.89 -1.24 5.98
N ARG A 29 1.06 -2.24 5.74
CA ARG A 29 -0.34 -2.17 6.16
C ARG A 29 -0.53 -2.74 7.56
N LYS A 30 0.37 -3.62 7.99
CA LYS A 30 0.27 -4.20 9.32
C LYS A 30 0.63 -3.17 10.39
N ARG A 31 1.51 -2.25 10.03
CA ARG A 31 1.92 -1.18 10.95
C ARG A 31 0.91 -0.03 10.95
N HIS A 32 -0.04 -0.09 10.02
CA HIS A 32 -1.08 0.94 9.91
C HIS A 32 -2.05 0.83 11.08
N MET A 33 -2.22 -0.39 11.56
CA MET A 33 -3.19 -0.67 12.61
C MET A 33 -2.73 -0.10 13.95
N LEU A 34 -1.42 0.04 14.09
CA LEU A 34 -0.82 0.57 15.31
C LEU A 34 -1.14 -0.31 16.52
N VAL A 35 -0.77 -1.57 16.42
CA VAL A 35 -0.99 -2.52 17.50
C VAL A 35 0.34 -3.06 18.00
ZN ZN B . -0.70 2.77 3.57
N GLY A 1 5.34 11.07 -15.24
CA GLY A 1 3.88 11.21 -15.11
C GLY A 1 3.37 10.65 -13.81
N SER A 2 2.09 10.31 -13.74
CA SER A 2 1.51 9.73 -12.55
C SER A 2 1.63 8.21 -12.60
N THR A 3 2.78 7.70 -12.20
CA THR A 3 3.02 6.27 -12.21
C THR A 3 2.83 5.71 -10.79
N GLY A 4 1.76 6.13 -10.14
CA GLY A 4 1.49 5.69 -8.79
C GLY A 4 0.34 4.71 -8.72
N ILE A 5 -0.22 4.40 -9.88
CA ILE A 5 -1.31 3.44 -9.95
C ILE A 5 -0.77 2.02 -9.92
N LYS A 6 -1.06 1.32 -8.83
CA LYS A 6 -0.56 -0.02 -8.60
C LYS A 6 -1.70 -0.96 -8.24
N PRO A 7 -1.55 -2.26 -8.53
CA PRO A 7 -2.58 -3.25 -8.22
C PRO A 7 -2.57 -3.60 -6.73
N PHE A 8 -1.40 -3.46 -6.13
CA PHE A 8 -1.26 -3.69 -4.70
C PHE A 8 -1.43 -2.37 -3.97
N GLN A 9 -2.55 -1.72 -4.21
CA GLN A 9 -2.82 -0.41 -3.64
C GLN A 9 -3.15 -0.54 -2.16
N CYS A 10 -2.62 0.38 -1.37
CA CYS A 10 -2.94 0.45 0.04
C CYS A 10 -4.27 1.16 0.21
N THR A 11 -5.26 0.44 0.71
CA THR A 11 -6.60 1.00 0.83
C THR A 11 -6.75 1.84 2.10
N TRP A 12 -5.67 2.46 2.55
CA TRP A 12 -5.75 3.39 3.66
C TRP A 12 -6.07 4.79 3.14
N PRO A 13 -7.14 5.41 3.65
CA PRO A 13 -7.64 6.69 3.13
C PRO A 13 -6.66 7.84 3.40
N ASP A 14 -6.15 7.90 4.62
CA ASP A 14 -5.23 8.95 5.03
C ASP A 14 -3.86 8.78 4.35
N CYS A 15 -3.61 7.56 3.93
CA CYS A 15 -2.34 7.20 3.32
C CYS A 15 -2.43 7.21 1.80
N ASP A 16 -3.17 6.25 1.24
CA ASP A 16 -3.37 6.11 -0.20
C ASP A 16 -2.06 5.81 -0.91
N ARG A 17 -1.41 4.75 -0.46
CA ARG A 17 -0.18 4.28 -1.07
C ARG A 17 -0.49 3.16 -2.05
N SER A 18 0.49 2.70 -2.79
CA SER A 18 0.28 1.64 -3.76
C SER A 18 1.61 0.96 -4.09
N PHE A 19 1.61 -0.36 -4.07
CA PHE A 19 2.85 -1.11 -4.21
C PHE A 19 2.79 -2.09 -5.35
N SER A 20 3.92 -2.71 -5.61
CA SER A 20 4.02 -3.83 -6.52
C SER A 20 4.56 -5.03 -5.75
N ARG A 21 4.91 -4.77 -4.49
CA ARG A 21 5.43 -5.79 -3.59
C ARG A 21 4.35 -6.24 -2.61
N SER A 22 4.05 -7.54 -2.61
CA SER A 22 2.98 -8.09 -1.79
C SER A 22 3.37 -8.21 -0.32
N ASP A 23 4.66 -8.18 -0.04
CA ASP A 23 5.16 -8.30 1.34
C ASP A 23 5.52 -6.91 1.86
N HIS A 24 5.73 -6.01 0.93
CA HIS A 24 6.07 -4.65 1.32
C HIS A 24 4.82 -3.89 1.72
N LEU A 25 3.76 -4.09 0.97
CA LEU A 25 2.47 -3.51 1.27
C LEU A 25 1.73 -4.33 2.32
N ALA A 26 2.28 -5.48 2.67
CA ALA A 26 1.75 -6.24 3.79
C ALA A 26 2.31 -5.70 5.10
N LEU A 27 3.61 -5.43 5.14
CA LEU A 27 4.23 -4.87 6.33
C LEU A 27 3.86 -3.40 6.48
N HIS A 28 3.79 -2.72 5.35
CA HIS A 28 3.38 -1.33 5.31
C HIS A 28 1.97 -1.19 5.89
N ARG A 29 1.13 -2.18 5.63
CA ARG A 29 -0.25 -2.14 6.06
C ARG A 29 -0.41 -2.59 7.50
N LYS A 30 0.57 -3.32 8.02
CA LYS A 30 0.50 -3.80 9.39
C LYS A 30 0.78 -2.65 10.36
N ARG A 31 1.66 -1.74 9.98
CA ARG A 31 1.97 -0.57 10.80
C ARG A 31 0.75 0.35 10.90
N HIS A 32 -0.17 0.21 9.95
CA HIS A 32 -1.37 1.01 9.90
C HIS A 32 -2.34 0.61 11.01
N MET A 33 -2.47 -0.69 11.20
CA MET A 33 -3.45 -1.22 12.13
C MET A 33 -2.84 -1.45 13.52
N LEU A 34 -1.52 -1.46 13.58
CA LEU A 34 -0.81 -1.68 14.83
C LEU A 34 -0.40 -0.35 15.46
N VAL A 35 -1.38 0.48 15.76
CA VAL A 35 -1.15 1.77 16.37
C VAL A 35 -2.04 1.93 17.59
ZN ZN B . -0.68 2.78 3.55
N GLY A 1 4.36 4.41 -20.17
CA GLY A 1 3.06 3.98 -19.63
C GLY A 1 2.62 4.81 -18.44
N SER A 2 1.34 5.10 -18.36
CA SER A 2 0.80 5.89 -17.27
C SER A 2 0.18 4.99 -16.21
N THR A 3 0.91 3.95 -15.85
CA THR A 3 0.46 3.02 -14.82
C THR A 3 1.09 3.38 -13.48
N GLY A 4 0.55 4.41 -12.86
CA GLY A 4 1.04 4.83 -11.57
C GLY A 4 0.33 4.11 -10.44
N ILE A 5 -0.95 3.85 -10.65
CA ILE A 5 -1.74 3.10 -9.68
C ILE A 5 -1.37 1.63 -9.73
N LYS A 6 -1.24 1.03 -8.56
CA LYS A 6 -0.81 -0.36 -8.45
C LYS A 6 -1.98 -1.24 -8.06
N PRO A 7 -1.89 -2.54 -8.38
CA PRO A 7 -2.88 -3.52 -7.92
C PRO A 7 -2.76 -3.69 -6.41
N PHE A 8 -1.57 -3.46 -5.90
CA PHE A 8 -1.31 -3.51 -4.48
C PHE A 8 -1.44 -2.11 -3.89
N GLN A 9 -2.57 -1.48 -4.16
CA GLN A 9 -2.83 -0.15 -3.66
C GLN A 9 -3.27 -0.24 -2.19
N CYS A 10 -2.60 0.53 -1.35
CA CYS A 10 -2.93 0.57 0.07
C CYS A 10 -4.30 1.20 0.26
N THR A 11 -5.16 0.52 0.99
CA THR A 11 -6.53 0.96 1.16
C THR A 11 -6.68 1.94 2.34
N TRP A 12 -5.57 2.47 2.83
CA TRP A 12 -5.64 3.45 3.91
C TRP A 12 -6.09 4.80 3.36
N PRO A 13 -7.13 5.39 3.97
CA PRO A 13 -7.76 6.62 3.45
C PRO A 13 -6.80 7.81 3.39
N ASP A 14 -6.15 8.09 4.50
CA ASP A 14 -5.23 9.23 4.59
C ASP A 14 -3.89 8.90 3.92
N CYS A 15 -3.67 7.63 3.66
CA CYS A 15 -2.43 7.19 3.04
C CYS A 15 -2.59 7.05 1.53
N ASP A 16 -3.27 5.98 1.10
CA ASP A 16 -3.47 5.68 -0.31
C ASP A 16 -2.13 5.50 -1.00
N ARG A 17 -1.44 4.44 -0.62
CA ARG A 17 -0.15 4.13 -1.19
C ARG A 17 -0.33 3.09 -2.28
N SER A 18 0.71 2.83 -3.05
CA SER A 18 0.61 1.85 -4.11
C SER A 18 1.90 1.07 -4.23
N PHE A 19 1.81 -0.25 -4.18
CA PHE A 19 2.98 -1.08 -4.13
C PHE A 19 3.03 -2.08 -5.28
N SER A 20 4.23 -2.50 -5.61
CA SER A 20 4.44 -3.59 -6.54
C SER A 20 4.85 -4.83 -5.75
N ARG A 21 5.24 -4.59 -4.51
CA ARG A 21 5.71 -5.64 -3.60
C ARG A 21 4.62 -6.03 -2.60
N SER A 22 4.27 -7.30 -2.61
CA SER A 22 3.20 -7.80 -1.77
C SER A 22 3.62 -7.92 -0.30
N ASP A 23 4.91 -8.20 -0.06
CA ASP A 23 5.41 -8.34 1.31
C ASP A 23 5.78 -6.99 1.88
N HIS A 24 5.73 -6.00 1.04
CA HIS A 24 6.04 -4.65 1.51
C HIS A 24 4.78 -3.91 1.89
N LEU A 25 3.78 -3.98 1.04
CA LEU A 25 2.49 -3.36 1.31
C LEU A 25 1.72 -4.12 2.38
N ALA A 26 2.00 -5.41 2.53
CA ALA A 26 1.36 -6.18 3.57
C ALA A 26 1.86 -5.76 4.95
N LEU A 27 3.17 -5.55 5.06
CA LEU A 27 3.77 -5.11 6.32
C LEU A 27 3.52 -3.63 6.53
N HIS A 28 3.56 -2.87 5.43
CA HIS A 28 3.27 -1.44 5.46
C HIS A 28 1.84 -1.21 5.99
N ARG A 29 0.95 -2.11 5.62
CA ARG A 29 -0.46 -2.00 5.98
C ARG A 29 -0.72 -2.48 7.40
N LYS A 30 0.05 -3.46 7.87
CA LYS A 30 -0.09 -3.93 9.23
C LYS A 30 0.52 -2.93 10.20
N ARG A 31 1.54 -2.21 9.73
CA ARG A 31 2.18 -1.18 10.53
C ARG A 31 1.24 0.01 10.72
N HIS A 32 0.25 0.12 9.84
CA HIS A 32 -0.74 1.19 9.92
C HIS A 32 -1.58 1.06 11.17
N MET A 33 -1.75 -0.17 11.62
CA MET A 33 -2.60 -0.46 12.77
C MET A 33 -1.89 -0.09 14.06
N LEU A 34 -0.62 0.27 13.95
CA LEU A 34 0.15 0.72 15.10
C LEU A 34 0.31 2.23 15.08
N VAL A 35 -0.68 2.90 14.50
CA VAL A 35 -0.65 4.35 14.39
C VAL A 35 -1.84 4.96 15.12
ZN ZN B . -0.59 2.86 3.60
#